data_9IWU
#
_entry.id   9IWU
#
_cell.length_a   39.130
_cell.length_b   163.710
_cell.length_c   87.408
_cell.angle_alpha   90.00
_cell.angle_beta   93.01
_cell.angle_gamma   90.00
#
_symmetry.space_group_name_H-M   'P 1 21 1'
#
loop_
_entity.id
_entity.type
_entity.pdbx_description
1 polymer CTB10
2 non-polymer 2-[(3-cyanophenyl)methyl]-5,5-dimethyl-hexa-2,3-dienamide
3 non-polymer DI(HYDROXYETHYL)ETHER
4 non-polymer GLYCEROL
5 water water
#
_entity_poly.entity_id   1
_entity_poly.type   'polypeptide(L)'
_entity_poly.pdbx_seq_one_letter_code
;MGSIGEPNRLLCWSIYVTKKPDQSEEDHHNHVSKVNAPM(PBF)IPFLKKYGIVRYTVKHNDAYSKPKQAALMAGQPEEN
VLAYDTVFEIIVKDIESIQTMQKDEEFLRTTIPDHFNFADMTRSKGSLTWIEEFTFALEHHHHHH
;
_entity_poly.pdbx_strand_id   A,B,C,D,E,F,G,H
#
loop_
_chem_comp.id
_chem_comp.type
_chem_comp.name
_chem_comp.formula
A1EAB non-polymer 2-[(3-cyanophenyl)methyl]-5,5-dimethyl-hexa-2,3-dienamide 'C16 H18 N2 O'
GOL non-polymer GLYCEROL 'C3 H8 O3'
PEG non-polymer DI(HYDROXYETHYL)ETHER 'C4 H10 O3'
#
# COMPACT_ATOMS: atom_id res chain seq x y z
N ARG A 9 -3.00 9.30 -58.37
CA ARG A 9 -3.32 8.96 -56.99
C ARG A 9 -2.11 8.36 -56.27
N LEU A 10 -1.69 9.03 -55.21
CA LEU A 10 -0.70 8.47 -54.33
C LEU A 10 -1.38 7.42 -53.45
N LEU A 11 -0.66 6.37 -53.12
CA LEU A 11 -1.13 5.34 -52.22
C LEU A 11 -0.45 5.46 -50.85
N CYS A 12 -1.12 4.95 -49.83
CA CYS A 12 -0.58 4.95 -48.49
C CYS A 12 -0.66 3.53 -47.95
N TRP A 13 0.46 2.97 -47.60
CA TRP A 13 0.52 1.67 -46.96
C TRP A 13 0.76 1.92 -45.45
N SER A 14 -0.24 1.57 -44.64
CA SER A 14 -0.23 1.78 -43.20
C SER A 14 -0.23 0.44 -42.48
N ILE A 15 0.60 0.31 -41.47
CA ILE A 15 0.61 -0.88 -40.63
C ILE A 15 0.44 -0.42 -39.19
N TYR A 16 -0.66 -0.86 -38.59
CA TYR A 16 -1.06 -0.53 -37.22
C TYR A 16 -0.45 -1.58 -36.30
N VAL A 17 0.46 -1.13 -35.45
CA VAL A 17 1.33 -2.04 -34.70
C VAL A 17 0.96 -2.06 -33.20
N THR A 18 0.77 -3.26 -32.67
CA THR A 18 0.70 -3.47 -31.25
C THR A 18 2.07 -3.94 -30.83
N LYS A 19 2.58 -3.38 -29.72
CA LYS A 19 3.95 -3.64 -29.34
C LYS A 19 4.09 -5.04 -28.78
N LYS A 20 5.34 -5.52 -28.74
CA LYS A 20 5.62 -6.84 -28.21
C LYS A 20 5.05 -6.99 -26.80
N PRO A 21 4.45 -8.13 -26.48
CA PRO A 21 3.73 -8.26 -25.19
C PRO A 21 4.60 -8.03 -23.95
N ASP A 22 5.84 -8.48 -23.94
CA ASP A 22 6.70 -8.22 -22.78
C ASP A 22 7.51 -6.94 -22.94
N GLN A 23 6.99 -5.94 -23.65
CA GLN A 23 7.77 -4.77 -24.02
C GLN A 23 7.16 -3.53 -23.42
N SER A 24 7.99 -2.68 -22.81
CA SER A 24 7.47 -1.43 -22.29
C SER A 24 7.15 -0.45 -23.43
N GLU A 25 6.26 0.50 -23.15
CA GLU A 25 6.04 1.58 -24.10
C GLU A 25 7.35 2.27 -24.42
N GLU A 26 8.12 2.62 -23.38
CA GLU A 26 9.36 3.35 -23.60
C GLU A 26 10.33 2.56 -24.48
N ASP A 27 10.54 1.25 -24.18
CA ASP A 27 11.39 0.42 -25.02
C ASP A 27 10.84 0.34 -26.44
N HIS A 28 9.52 0.18 -26.59
CA HIS A 28 8.93 0.06 -27.93
C HIS A 28 9.19 1.30 -28.78
N HIS A 29 8.85 2.49 -28.26
CA HIS A 29 9.03 3.68 -29.08
C HIS A 29 10.51 4.08 -29.20
N ASN A 30 11.33 3.84 -28.16
CA ASN A 30 12.77 4.00 -28.33
C ASN A 30 13.25 3.22 -29.53
N HIS A 31 12.86 1.93 -29.62
CA HIS A 31 13.32 1.10 -30.69
C HIS A 31 12.89 1.67 -32.03
N VAL A 32 11.58 1.85 -32.20
CA VAL A 32 11.00 2.32 -33.46
C VAL A 32 11.76 3.55 -33.97
N SER A 33 11.98 4.55 -33.09
CA SER A 33 12.48 5.85 -33.52
C SER A 33 13.98 5.85 -33.75
N LYS A 34 14.72 5.23 -32.81
CA LYS A 34 16.19 5.30 -32.72
C LYS A 34 16.93 4.12 -33.35
N VAL A 35 16.36 2.92 -33.40
CA VAL A 35 17.03 1.79 -34.04
C VAL A 35 16.39 1.43 -35.39
N ASN A 36 15.06 1.24 -35.44
CA ASN A 36 14.41 0.80 -36.67
C ASN A 36 14.39 1.87 -37.76
N ALA A 37 14.11 3.12 -37.41
CA ALA A 37 13.97 4.14 -38.45
C ALA A 37 15.27 4.33 -39.24
N PRO A 38 16.42 4.46 -38.61
CA PRO A 38 17.64 4.62 -39.40
C PRO A 38 17.95 3.37 -40.18
N MET A 39 17.49 2.22 -39.74
CA MET A 39 17.73 0.99 -40.46
C MET A 39 16.77 0.85 -41.65
N PBF A 40 15.61 1.48 -41.48
C PBF A 40 14.61 2.34 -43.56
O PBF A 40 14.43 1.98 -44.74
CA PBF A 40 14.50 1.29 -42.45
CB PBF A 40 13.16 1.46 -41.72
CG PBF A 40 11.95 0.97 -42.47
CD1 PBF A 40 12.08 0.21 -43.64
CD2 PBF A 40 10.69 1.19 -41.96
CE1 PBF A 40 10.96 -0.26 -44.29
CE2 PBF A 40 9.57 0.71 -42.59
CZ PBF A 40 9.68 0.03 -43.80
CN1 PBF A 40 8.47 -0.53 -44.42
ON2 PBF A 40 8.56 -1.51 -45.14
CT PBF A 40 7.12 -0.01 -44.08
CI1 PBF A 40 6.01 -0.82 -44.20
CI2 PBF A 40 6.95 1.33 -43.72
CK1 PBF A 40 4.75 -0.32 -43.94
CK2 PBF A 40 5.69 1.82 -43.47
CL PBF A 40 4.59 1.00 -43.61
N ILE A 41 14.90 3.58 -43.19
CA ILE A 41 14.75 4.71 -44.12
C ILE A 41 15.66 4.63 -45.36
N PRO A 42 16.88 4.06 -45.23
CA PRO A 42 17.70 3.88 -46.44
C PRO A 42 16.97 3.14 -47.53
N PHE A 43 16.21 2.08 -47.19
CA PHE A 43 15.52 1.30 -48.21
C PHE A 43 14.32 2.04 -48.76
N LEU A 44 13.68 2.86 -47.94
CA LEU A 44 12.54 3.60 -48.48
C LEU A 44 12.99 4.59 -49.53
N LYS A 45 14.11 5.29 -49.28
CA LYS A 45 14.70 6.17 -50.29
C LYS A 45 15.06 5.37 -51.54
N LYS A 46 15.70 4.22 -51.36
CA LYS A 46 16.14 3.41 -52.49
C LYS A 46 14.97 3.07 -53.38
N TYR A 47 13.81 2.82 -52.80
CA TYR A 47 12.67 2.43 -53.60
C TYR A 47 11.70 3.57 -53.79
N GLY A 48 12.14 4.78 -53.57
CA GLY A 48 11.36 5.89 -54.08
C GLY A 48 10.05 6.08 -53.35
N ILE A 49 10.03 5.73 -52.05
CA ILE A 49 8.93 6.08 -51.16
C ILE A 49 8.83 7.58 -51.07
N VAL A 50 7.62 8.11 -51.13
CA VAL A 50 7.47 9.55 -51.07
C VAL A 50 7.61 10.08 -49.62
N ARG A 51 7.09 9.37 -48.62
CA ARG A 51 7.11 9.88 -47.25
C ARG A 51 6.90 8.73 -46.29
N TYR A 52 7.68 8.72 -45.24
CA TYR A 52 7.56 7.76 -44.18
C TYR A 52 7.11 8.50 -42.95
N THR A 53 5.99 8.07 -42.39
CA THR A 53 5.50 8.63 -41.15
C THR A 53 5.38 7.52 -40.14
N VAL A 54 5.73 7.85 -38.88
CA VAL A 54 5.53 7.00 -37.73
C VAL A 54 4.67 7.77 -36.76
N LYS A 55 3.48 7.21 -36.48
CA LYS A 55 2.57 7.76 -35.50
C LYS A 55 2.78 7.02 -34.19
N HIS A 56 2.90 7.77 -33.11
CA HIS A 56 3.18 7.23 -31.78
C HIS A 56 2.01 7.54 -30.85
N ASN A 57 1.45 6.51 -30.26
CA ASN A 57 0.43 6.69 -29.22
C ASN A 57 1.09 6.30 -27.88
N ASP A 58 1.71 7.27 -27.22
CA ASP A 58 2.54 6.95 -26.03
C ASP A 58 2.29 7.99 -24.92
N ALA A 59 3.18 8.00 -23.93
CA ALA A 59 2.95 8.89 -22.78
C ALA A 59 2.92 10.33 -23.24
N TYR A 60 3.66 10.67 -24.31
CA TYR A 60 3.67 12.08 -24.69
C TYR A 60 2.32 12.46 -25.26
N SER A 61 1.75 11.60 -26.10
CA SER A 61 0.53 11.98 -26.81
C SER A 61 -0.73 11.67 -26.00
N LYS A 62 -0.71 10.61 -25.19
CA LYS A 62 -1.96 10.11 -24.60
C LYS A 62 -2.71 11.16 -23.78
N PRO A 63 -2.05 12.04 -22.97
CA PRO A 63 -2.84 13.03 -22.26
C PRO A 63 -3.53 13.99 -23.19
N LYS A 64 -2.89 14.38 -24.30
CA LYS A 64 -3.59 15.29 -25.21
C LYS A 64 -4.77 14.59 -25.89
N GLN A 65 -4.60 13.29 -26.19
CA GLN A 65 -5.70 12.47 -26.69
C GLN A 65 -6.86 12.50 -25.70
N ALA A 66 -6.60 12.06 -24.47
CA ALA A 66 -7.61 12.12 -23.41
C ALA A 66 -8.30 13.46 -23.38
N ALA A 67 -7.51 14.54 -23.51
CA ALA A 67 -8.11 15.86 -23.53
C ALA A 67 -9.04 16.02 -24.71
N LEU A 68 -8.64 15.52 -25.90
CA LEU A 68 -9.45 15.70 -27.10
C LEU A 68 -10.73 14.86 -27.06
N MET A 69 -10.69 13.69 -26.46
CA MET A 69 -11.79 12.74 -26.56
C MET A 69 -12.45 12.42 -25.21
N ALA A 70 -12.31 13.30 -24.22
CA ALA A 70 -12.79 13.02 -22.87
C ALA A 70 -14.30 12.95 -22.82
N GLY A 71 -14.82 12.02 -22.05
CA GLY A 71 -16.25 11.85 -21.98
C GLY A 71 -16.83 10.86 -22.98
N GLN A 72 -16.03 10.38 -23.96
CA GLN A 72 -16.39 9.23 -24.79
C GLN A 72 -15.85 7.96 -24.19
N PRO A 73 -16.44 6.83 -24.52
CA PRO A 73 -15.80 5.56 -24.13
C PRO A 73 -14.40 5.45 -24.73
N GLU A 74 -13.48 4.90 -23.92
CA GLU A 74 -12.11 4.58 -24.34
C GLU A 74 -12.07 3.73 -25.61
N GLU A 75 -13.08 2.89 -25.80
CA GLU A 75 -13.14 2.00 -26.95
C GLU A 75 -13.21 2.81 -28.23
N ASN A 76 -13.58 4.08 -28.13
CA ASN A 76 -13.61 4.95 -29.29
C ASN A 76 -12.21 5.37 -29.78
N VAL A 77 -11.14 4.97 -29.09
CA VAL A 77 -9.77 5.28 -29.50
C VAL A 77 -9.18 4.06 -30.20
N LEU A 78 -8.62 4.26 -31.38
CA LEU A 78 -7.83 3.21 -32.02
C LEU A 78 -6.50 3.19 -31.30
N ALA A 79 -6.18 2.08 -30.62
CA ALA A 79 -5.15 2.06 -29.58
C ALA A 79 -3.87 1.34 -29.98
N TYR A 80 -3.49 1.30 -31.24
CA TYR A 80 -2.17 0.75 -31.56
C TYR A 80 -1.07 1.61 -30.90
N ASP A 81 0.06 0.97 -30.52
CA ASP A 81 1.21 1.72 -30.03
C ASP A 81 1.84 2.58 -31.12
N THR A 82 2.08 2.00 -32.31
CA THR A 82 2.64 2.75 -33.42
C THR A 82 1.94 2.44 -34.74
N VAL A 83 1.86 3.44 -35.59
CA VAL A 83 1.32 3.26 -36.92
C VAL A 83 2.45 3.61 -37.87
N PHE A 84 2.77 2.71 -38.81
CA PHE A 84 3.81 2.97 -39.81
C PHE A 84 3.19 3.29 -41.15
N GLU A 85 3.60 4.38 -41.76
CA GLU A 85 3.03 4.78 -43.02
C GLU A 85 4.08 5.20 -44.03
N ILE A 86 3.90 4.72 -45.27
CA ILE A 86 4.66 5.18 -46.44
C ILE A 86 3.70 5.55 -47.56
N ILE A 87 3.88 6.73 -48.11
CA ILE A 87 3.17 7.16 -49.29
C ILE A 87 4.01 6.76 -50.51
N VAL A 88 3.43 5.96 -51.39
CA VAL A 88 4.11 5.51 -52.60
C VAL A 88 3.25 5.91 -53.81
N LYS A 89 3.91 6.02 -54.96
CA LYS A 89 3.24 6.20 -56.25
C LYS A 89 2.59 4.92 -56.79
N ASP A 90 3.09 3.74 -56.41
CA ASP A 90 2.51 2.45 -56.79
C ASP A 90 2.98 1.39 -55.82
N ILE A 91 2.28 0.26 -55.81
CA ILE A 91 2.67 -0.83 -54.92
C ILE A 91 3.83 -1.65 -55.46
N GLU A 92 4.31 -1.34 -56.65
CA GLU A 92 5.50 -1.99 -57.16
C GLU A 92 6.74 -1.58 -56.35
N SER A 93 6.85 -0.30 -56.00
CA SER A 93 7.91 0.15 -55.09
C SER A 93 7.97 -0.71 -53.84
N ILE A 94 6.82 -1.02 -53.23
CA ILE A 94 6.86 -1.83 -52.03
C ILE A 94 7.23 -3.25 -52.37
N GLN A 95 6.61 -3.79 -53.41
CA GLN A 95 6.85 -5.17 -53.78
C GLN A 95 8.31 -5.38 -54.12
N THR A 96 8.90 -4.42 -54.83
CA THR A 96 10.31 -4.55 -55.16
C THR A 96 11.17 -4.43 -53.92
N MET A 97 10.90 -3.44 -53.08
CA MET A 97 11.65 -3.29 -51.83
C MET A 97 11.63 -4.58 -51.02
N GLN A 98 10.51 -5.29 -51.04
CA GLN A 98 10.33 -6.52 -50.23
C GLN A 98 11.26 -7.64 -50.72
N LYS A 99 11.67 -7.62 -51.98
CA LYS A 99 12.55 -8.63 -52.55
C LYS A 99 14.03 -8.30 -52.34
N ASP A 100 14.33 -7.14 -51.75
CA ASP A 100 15.70 -6.70 -51.57
C ASP A 100 16.45 -7.54 -50.52
N GLU A 101 17.63 -8.06 -50.89
CA GLU A 101 18.25 -9.07 -50.05
C GLU A 101 18.65 -8.51 -48.70
N GLU A 102 19.16 -7.27 -48.67
CA GLU A 102 19.59 -6.69 -47.40
C GLU A 102 18.38 -6.33 -46.55
N PHE A 103 17.37 -5.70 -47.16
CA PHE A 103 16.09 -5.47 -46.47
C PHE A 103 15.61 -6.76 -45.80
N LEU A 104 15.74 -7.90 -46.48
CA LEU A 104 15.28 -9.13 -45.88
C LEU A 104 16.19 -9.59 -44.75
N ARG A 105 17.50 -9.34 -44.84
CA ARG A 105 18.40 -9.87 -43.81
C ARG A 105 18.45 -8.97 -42.58
N THR A 106 18.19 -7.66 -42.72
CA THR A 106 18.38 -6.71 -41.62
C THR A 106 17.08 -6.12 -41.08
N THR A 107 16.29 -5.42 -41.91
CA THR A 107 15.15 -4.68 -41.38
C THR A 107 13.90 -5.53 -41.15
N ILE A 108 13.63 -6.52 -42.01
CA ILE A 108 12.48 -7.39 -41.78
C ILE A 108 12.65 -8.11 -40.45
N PRO A 109 13.76 -8.80 -40.19
CA PRO A 109 13.95 -9.42 -38.87
C PRO A 109 13.84 -8.45 -37.71
N ASP A 110 14.15 -7.17 -37.94
CA ASP A 110 14.06 -6.20 -36.86
C ASP A 110 12.68 -6.16 -36.22
N HIS A 111 11.63 -6.59 -36.92
CA HIS A 111 10.29 -6.48 -36.35
C HIS A 111 10.13 -7.34 -35.09
N PHE A 112 11.04 -8.31 -34.88
CA PHE A 112 11.11 -9.11 -33.65
C PHE A 112 11.32 -8.23 -32.43
N ASN A 113 11.90 -7.07 -32.61
CA ASN A 113 12.24 -6.17 -31.53
C ASN A 113 11.08 -5.27 -31.10
N PHE A 114 9.99 -5.16 -31.86
CA PHE A 114 8.98 -4.17 -31.47
C PHE A 114 7.55 -4.49 -31.87
N ALA A 115 7.32 -5.33 -32.87
CA ALA A 115 5.99 -5.50 -33.46
C ALA A 115 5.48 -6.88 -33.10
N ASP A 116 4.25 -6.93 -32.60
CA ASP A 116 3.51 -8.16 -32.38
C ASP A 116 2.66 -8.36 -33.63
N MET A 117 3.19 -9.12 -34.57
CA MET A 117 2.46 -9.23 -35.82
C MET A 117 1.12 -9.92 -35.65
N THR A 118 0.86 -10.55 -34.51
CA THR A 118 -0.45 -11.16 -34.34
C THR A 118 -1.50 -10.18 -33.90
N ARG A 119 -1.12 -8.95 -33.55
CA ARG A 119 -2.11 -7.97 -33.14
C ARG A 119 -1.92 -6.68 -33.91
N SER A 120 -1.48 -6.79 -35.16
CA SER A 120 -1.24 -5.63 -35.97
C SER A 120 -2.02 -5.79 -37.27
N LYS A 121 -2.29 -4.65 -37.89
CA LYS A 121 -3.13 -4.60 -39.06
C LYS A 121 -2.52 -3.69 -40.12
N GLY A 122 -2.93 -3.96 -41.36
CA GLY A 122 -2.41 -3.19 -42.46
C GLY A 122 -3.58 -2.61 -43.20
N SER A 123 -3.28 -1.64 -44.04
CA SER A 123 -4.29 -1.01 -44.88
C SER A 123 -3.58 -0.31 -46.04
N LEU A 124 -4.02 -0.56 -47.26
CA LEU A 124 -3.58 0.14 -48.45
C LEU A 124 -4.73 1.01 -48.96
N THR A 125 -4.55 2.31 -48.89
CA THR A 125 -5.54 3.28 -49.31
C THR A 125 -4.95 4.12 -50.43
N TRP A 126 -5.80 4.84 -51.14
CA TRP A 126 -5.33 5.91 -51.99
C TRP A 126 -5.70 7.25 -51.34
N ILE A 127 -4.86 8.26 -51.53
CA ILE A 127 -5.00 9.46 -50.71
C ILE A 127 -5.29 10.70 -51.55
N GLU A 128 -5.95 11.65 -50.89
CA GLU A 128 -5.98 13.04 -51.27
C GLU A 128 -5.35 13.81 -50.14
N GLU A 129 -4.43 14.70 -50.46
CA GLU A 129 -3.72 15.40 -49.40
C GLU A 129 -3.77 16.88 -49.69
N PHE A 130 -3.91 17.71 -48.66
CA PHE A 130 -3.93 19.15 -48.85
C PHE A 130 -3.00 19.77 -47.83
N THR A 131 -1.95 20.43 -48.31
CA THR A 131 -0.97 21.06 -47.42
C THR A 131 -1.25 22.56 -47.36
N PHE A 132 -1.43 23.09 -46.16
CA PHE A 132 -1.69 24.52 -46.06
C PHE A 132 -0.39 25.26 -45.78
N SER B 3 5.55 24.02 -15.32
CA SER B 3 5.03 25.07 -16.20
C SER B 3 5.89 25.29 -17.46
N ILE B 4 7.22 25.10 -17.36
CA ILE B 4 8.07 25.00 -18.54
C ILE B 4 7.70 23.72 -19.27
N GLY B 5 7.36 23.84 -20.55
CA GLY B 5 6.91 22.71 -21.34
C GLY B 5 8.00 22.06 -22.18
N GLU B 6 7.93 20.73 -22.26
CA GLU B 6 8.71 20.00 -23.24
C GLU B 6 8.40 20.52 -24.63
N PRO B 7 9.39 20.62 -25.52
CA PRO B 7 9.15 21.22 -26.84
C PRO B 7 8.04 20.50 -27.60
N ASN B 8 7.27 21.26 -28.31
CA ASN B 8 6.11 20.69 -29.04
C ASN B 8 6.55 19.73 -30.15
N ARG B 9 5.77 18.70 -30.33
CA ARG B 9 5.95 17.72 -31.36
C ARG B 9 4.72 17.81 -32.25
N LEU B 10 4.92 17.61 -33.54
CA LEU B 10 3.80 17.56 -34.44
C LEU B 10 2.81 16.47 -34.02
N LEU B 11 1.53 16.75 -34.15
CA LEU B 11 0.51 15.79 -33.76
C LEU B 11 -0.32 15.45 -34.98
N CYS B 12 -0.89 14.24 -34.93
CA CYS B 12 -1.80 13.77 -35.95
C CYS B 12 -3.10 13.35 -35.27
N TRP B 13 -4.18 14.00 -35.66
CA TRP B 13 -5.53 13.62 -35.28
C TRP B 13 -6.12 12.82 -36.45
N SER B 14 -6.32 11.53 -36.25
CA SER B 14 -6.90 10.60 -37.22
C SER B 14 -8.35 10.25 -36.85
N ILE B 15 -9.25 10.33 -37.81
CA ILE B 15 -10.62 9.85 -37.64
C ILE B 15 -10.78 8.62 -38.52
N TYR B 16 -11.21 7.51 -37.95
CA TYR B 16 -11.39 6.26 -38.70
C TYR B 16 -12.87 6.05 -38.95
N VAL B 17 -13.30 6.17 -40.19
CA VAL B 17 -14.70 6.34 -40.50
C VAL B 17 -15.21 5.10 -41.21
N THR B 18 -16.23 4.48 -40.61
CA THR B 18 -17.07 3.50 -41.30
C THR B 18 -18.22 4.23 -41.98
N LYS B 19 -18.46 3.92 -43.25
CA LYS B 19 -19.50 4.61 -44.02
C LYS B 19 -20.90 4.23 -43.56
N LYS B 20 -21.84 5.09 -43.86
CA LYS B 20 -23.26 4.86 -43.60
C LYS B 20 -23.66 3.49 -44.16
N PRO B 21 -24.23 2.60 -43.34
CA PRO B 21 -24.56 1.23 -43.84
C PRO B 21 -25.42 1.22 -45.09
N ASP B 22 -26.38 2.12 -45.16
CA ASP B 22 -27.27 2.15 -46.31
C ASP B 22 -26.67 2.86 -47.49
N GLN B 23 -25.36 3.02 -47.57
CA GLN B 23 -24.76 3.91 -48.56
C GLN B 23 -23.72 3.09 -49.30
N SER B 24 -23.73 3.12 -50.63
CA SER B 24 -22.69 2.40 -51.39
C SER B 24 -21.31 3.07 -51.21
N GLU B 25 -20.25 2.29 -51.50
CA GLU B 25 -18.89 2.83 -51.43
C GLU B 25 -18.76 4.02 -52.34
N GLU B 26 -19.37 3.96 -53.52
CA GLU B 26 -19.19 5.06 -54.45
C GLU B 26 -19.84 6.34 -53.92
N ASP B 27 -21.03 6.25 -53.38
CA ASP B 27 -21.60 7.48 -52.86
C ASP B 27 -20.83 7.95 -51.61
N HIS B 28 -20.26 7.01 -50.85
CA HIS B 28 -19.46 7.38 -49.68
C HIS B 28 -18.25 8.22 -50.08
N HIS B 29 -17.41 7.67 -50.98
CA HIS B 29 -16.19 8.37 -51.33
C HIS B 29 -16.47 9.60 -52.16
N ASN B 30 -17.42 9.67 -52.96
CA ASN B 30 -17.76 10.89 -53.74
C ASN B 30 -18.19 11.98 -52.77
N HIS B 31 -19.12 11.56 -51.81
CA HIS B 31 -19.47 12.54 -50.80
C HIS B 31 -18.24 13.03 -50.08
N VAL B 32 -17.37 12.12 -49.66
CA VAL B 32 -16.22 12.55 -48.86
C VAL B 32 -15.33 13.46 -49.71
N SER B 33 -15.07 13.08 -50.95
CA SER B 33 -14.18 13.90 -51.77
C SER B 33 -14.86 15.20 -52.20
N LYS B 34 -16.14 15.15 -52.49
CA LYS B 34 -16.69 16.26 -53.25
C LYS B 34 -17.49 17.24 -52.43
N VAL B 35 -17.97 16.84 -51.26
CA VAL B 35 -18.83 17.67 -50.46
C VAL B 35 -18.19 18.01 -49.13
N ASN B 36 -17.77 16.99 -48.39
CA ASN B 36 -17.23 17.21 -47.07
C ASN B 36 -15.88 17.91 -47.12
N ALA B 37 -14.95 17.37 -47.90
CA ALA B 37 -13.60 17.91 -47.90
C ALA B 37 -13.58 19.42 -48.15
N PRO B 38 -14.34 19.96 -49.11
CA PRO B 38 -14.38 21.42 -49.28
C PRO B 38 -15.10 22.16 -48.19
N MET B 39 -15.97 21.47 -47.46
CA MET B 39 -16.73 22.09 -46.38
C MET B 39 -15.80 22.31 -45.23
N PBF B 40 -15.00 21.27 -45.05
C PBF B 40 -12.82 21.96 -44.09
O PBF B 40 -12.42 22.68 -43.14
CA PBF B 40 -14.05 21.07 -43.93
CB PBF B 40 -13.66 19.59 -43.95
CG PBF B 40 -13.26 18.99 -42.64
CD1 PBF B 40 -13.09 17.62 -42.52
CD2 PBF B 40 -13.07 19.79 -41.52
CE1 PBF B 40 -12.71 17.06 -41.30
CE2 PBF B 40 -12.72 19.23 -40.31
CZ PBF B 40 -12.58 17.86 -40.18
CN1 PBF B 40 -12.13 17.27 -38.86
ON2 PBF B 40 -12.58 17.73 -37.82
CT PBF B 40 -11.06 16.26 -38.80
CI1 PBF B 40 -10.29 15.99 -39.94
CI2 PBF B 40 -10.81 15.54 -37.64
CK1 PBF B 40 -9.29 15.04 -39.90
CK2 PBF B 40 -9.80 14.59 -37.61
CL PBF B 40 -9.04 14.34 -38.74
N ILE B 41 -12.21 21.94 -45.27
CA ILE B 41 -10.92 22.56 -45.46
C ILE B 41 -10.84 24.02 -44.98
N PRO B 42 -11.83 24.88 -45.27
CA PRO B 42 -11.68 26.27 -44.83
C PRO B 42 -11.51 26.36 -43.31
N PHE B 43 -12.11 25.45 -42.54
CA PHE B 43 -11.90 25.46 -41.11
C PHE B 43 -10.50 24.97 -40.75
N LEU B 44 -9.97 24.00 -41.49
CA LEU B 44 -8.61 23.57 -41.19
C LEU B 44 -7.61 24.72 -41.40
N LYS B 45 -7.73 25.47 -42.53
CA LYS B 45 -6.91 26.67 -42.71
C LYS B 45 -7.10 27.65 -41.55
N LYS B 46 -8.34 27.98 -41.22
CA LYS B 46 -8.65 29.03 -40.25
C LYS B 46 -7.90 28.83 -38.92
N TYR B 47 -7.60 27.59 -38.57
CA TYR B 47 -7.00 27.24 -37.30
C TYR B 47 -5.60 26.67 -37.48
N GLY B 48 -4.96 26.94 -38.61
CA GLY B 48 -3.54 26.66 -38.75
C GLY B 48 -3.19 25.19 -38.84
N ILE B 49 -4.11 24.36 -39.32
CA ILE B 49 -3.81 22.94 -39.56
C ILE B 49 -2.68 22.82 -40.56
N VAL B 50 -1.72 21.97 -40.24
CA VAL B 50 -0.54 21.85 -41.10
C VAL B 50 -0.89 21.08 -42.37
N ARG B 51 -1.64 19.99 -42.24
CA ARG B 51 -1.95 19.13 -43.39
C ARG B 51 -3.22 18.32 -43.11
N TYR B 52 -3.97 18.08 -44.16
CA TYR B 52 -5.22 17.33 -44.17
C TYR B 52 -5.08 16.20 -45.17
N THR B 53 -5.17 14.97 -44.70
CA THR B 53 -5.12 13.82 -45.58
C THR B 53 -6.40 13.01 -45.41
N VAL B 54 -6.93 12.58 -46.56
CA VAL B 54 -8.08 11.69 -46.66
C VAL B 54 -7.62 10.38 -47.31
N LYS B 55 -7.73 9.28 -46.58
CA LYS B 55 -7.36 7.99 -47.11
C LYS B 55 -8.65 7.26 -47.53
N HIS B 56 -8.65 6.70 -48.73
CA HIS B 56 -9.78 5.95 -49.20
C HIS B 56 -9.41 4.49 -49.30
N ASN B 57 -10.30 3.64 -48.80
CA ASN B 57 -10.16 2.19 -48.92
C ASN B 57 -11.38 1.76 -49.71
N ASP B 58 -11.18 1.49 -50.99
CA ASP B 58 -12.31 1.36 -51.91
C ASP B 58 -11.88 0.53 -53.13
N ALA B 59 -12.81 0.48 -54.10
CA ALA B 59 -12.66 -0.34 -55.32
C ALA B 59 -11.33 -0.08 -55.99
N TYR B 60 -10.87 1.16 -55.97
CA TYR B 60 -9.55 1.49 -56.51
C TYR B 60 -8.43 0.88 -55.67
N SER B 61 -8.50 1.01 -54.32
CA SER B 61 -7.34 0.56 -53.56
C SER B 61 -7.38 -0.92 -53.22
N LYS B 62 -8.55 -1.52 -53.11
CA LYS B 62 -8.61 -2.88 -52.57
C LYS B 62 -7.85 -3.90 -53.34
N PRO B 63 -7.87 -3.93 -54.68
CA PRO B 63 -7.06 -4.93 -55.37
C PRO B 63 -5.57 -4.75 -55.08
N LYS B 64 -5.10 -3.52 -54.90
CA LYS B 64 -3.69 -3.37 -54.55
C LYS B 64 -3.43 -3.79 -53.09
N GLN B 65 -4.38 -3.50 -52.19
CA GLN B 65 -4.25 -4.00 -50.82
C GLN B 65 -4.23 -5.53 -50.82
N ALA B 66 -5.09 -6.16 -51.62
CA ALA B 66 -5.04 -7.63 -51.66
C ALA B 66 -3.68 -8.11 -52.15
N ALA B 67 -3.12 -7.43 -53.14
CA ALA B 67 -1.75 -7.80 -53.53
C ALA B 67 -0.79 -7.70 -52.34
N LEU B 68 -0.76 -6.56 -51.65
CA LEU B 68 0.24 -6.44 -50.59
C LEU B 68 0.02 -7.49 -49.51
N MET B 69 -1.24 -7.88 -49.22
CA MET B 69 -1.53 -8.76 -48.10
C MET B 69 -1.77 -10.21 -48.52
N ALA B 70 -1.10 -10.65 -49.56
CA ALA B 70 -1.18 -12.07 -49.98
C ALA B 70 -0.99 -13.00 -48.79
N GLY B 71 -1.91 -13.96 -48.60
CA GLY B 71 -1.73 -14.98 -47.56
C GLY B 71 -2.12 -14.50 -46.18
N GLN B 72 -2.61 -13.26 -46.09
CA GLN B 72 -2.98 -12.70 -44.78
C GLN B 72 -4.51 -12.75 -44.66
N PRO B 73 -5.03 -13.07 -43.46
CA PRO B 73 -6.47 -13.16 -43.27
C PRO B 73 -7.17 -11.82 -43.34
N GLU B 74 -8.46 -11.86 -43.65
CA GLU B 74 -9.25 -10.61 -43.78
C GLU B 74 -9.16 -9.84 -42.47
N GLU B 75 -9.04 -10.55 -41.37
CA GLU B 75 -9.00 -9.90 -40.09
C GLU B 75 -7.79 -8.98 -39.97
N ASN B 76 -6.71 -9.25 -40.71
CA ASN B 76 -5.49 -8.42 -40.65
C ASN B 76 -5.66 -7.08 -41.33
N VAL B 77 -6.79 -6.84 -41.94
CA VAL B 77 -7.02 -5.63 -42.69
C VAL B 77 -7.78 -4.66 -41.82
N LEU B 78 -7.32 -3.42 -41.75
CA LEU B 78 -8.10 -2.37 -41.09
C LEU B 78 -9.12 -1.84 -42.09
N ALA B 79 -10.40 -2.20 -41.92
CA ALA B 79 -11.34 -2.05 -43.01
C ALA B 79 -12.17 -0.77 -42.97
N TYR B 80 -11.73 0.25 -42.24
CA TYR B 80 -12.45 1.52 -42.31
C TYR B 80 -12.49 1.99 -43.76
N ASP B 81 -13.63 2.60 -44.14
CA ASP B 81 -13.81 3.06 -45.51
C ASP B 81 -12.97 4.30 -45.82
N THR B 82 -12.89 5.26 -44.87
CA THR B 82 -12.03 6.41 -45.05
C THR B 82 -11.41 6.80 -43.73
N VAL B 83 -10.15 7.27 -43.83
CA VAL B 83 -9.38 7.77 -42.69
C VAL B 83 -9.02 9.23 -42.95
N PHE B 84 -9.36 10.09 -42.00
CA PHE B 84 -9.09 11.52 -42.06
C PHE B 84 -7.96 11.84 -41.09
N GLU B 85 -6.96 12.57 -41.59
CA GLU B 85 -5.79 12.92 -40.79
C GLU B 85 -5.57 14.42 -40.88
N ILE B 86 -5.50 15.09 -39.72
CA ILE B 86 -5.05 16.47 -39.69
C ILE B 86 -3.79 16.50 -38.86
N ILE B 87 -2.75 17.04 -39.43
CA ILE B 87 -1.51 17.31 -38.73
C ILE B 87 -1.61 18.69 -38.10
N VAL B 88 -1.39 18.79 -36.79
CA VAL B 88 -1.38 20.09 -36.12
C VAL B 88 -0.12 20.22 -35.26
N LYS B 89 0.19 21.47 -34.88
CA LYS B 89 1.31 21.73 -33.99
C LYS B 89 0.97 21.65 -32.49
N ASP B 90 -0.31 21.67 -32.10
CA ASP B 90 -0.75 21.60 -30.69
C ASP B 90 -2.22 21.23 -30.67
N ILE B 91 -2.69 20.58 -29.59
CA ILE B 91 -4.11 20.19 -29.63
C ILE B 91 -5.03 21.39 -29.48
N GLU B 92 -4.46 22.57 -29.25
CA GLU B 92 -5.29 23.75 -29.05
C GLU B 92 -5.99 24.15 -30.34
N SER B 93 -5.27 24.16 -31.45
CA SER B 93 -5.89 24.27 -32.76
C SER B 93 -7.15 23.42 -32.89
N ILE B 94 -7.09 22.14 -32.54
CA ILE B 94 -8.22 21.26 -32.78
C ILE B 94 -9.34 21.53 -31.80
N GLN B 95 -8.99 21.69 -30.51
CA GLN B 95 -10.01 22.00 -29.52
C GLN B 95 -10.78 23.24 -29.90
N THR B 96 -10.06 24.25 -30.38
CA THR B 96 -10.72 25.50 -30.67
C THR B 96 -11.49 25.42 -31.97
N MET B 97 -10.91 24.78 -32.98
CA MET B 97 -11.67 24.49 -34.20
C MET B 97 -12.96 23.76 -33.85
N GLN B 98 -12.86 22.78 -32.95
CA GLN B 98 -14.06 22.04 -32.52
C GLN B 98 -15.10 22.94 -31.88
N LYS B 99 -14.72 24.12 -31.36
CA LYS B 99 -15.71 25.03 -30.80
C LYS B 99 -16.32 25.97 -31.83
N ASP B 100 -15.82 25.99 -33.05
CA ASP B 100 -16.29 26.95 -34.04
C ASP B 100 -17.75 26.68 -34.42
N GLU B 101 -18.56 27.75 -34.38
CA GLU B 101 -20.01 27.64 -34.52
C GLU B 101 -20.43 27.19 -35.92
N GLU B 102 -19.71 27.59 -36.96
CA GLU B 102 -20.05 27.08 -38.28
C GLU B 102 -19.53 25.65 -38.44
N PHE B 103 -18.37 25.35 -37.87
CA PHE B 103 -17.91 23.96 -37.81
C PHE B 103 -19.01 23.10 -37.25
N LEU B 104 -19.51 23.44 -36.06
CA LEU B 104 -20.60 22.65 -35.49
C LEU B 104 -21.85 22.70 -36.35
N ARG B 105 -22.12 23.82 -37.03
CA ARG B 105 -23.36 23.96 -37.78
C ARG B 105 -23.34 23.24 -39.13
N THR B 106 -22.20 23.14 -39.81
CA THR B 106 -22.23 22.57 -41.17
C THR B 106 -21.39 21.31 -41.25
N THR B 107 -20.10 21.38 -40.95
CA THR B 107 -19.27 20.21 -41.18
C THR B 107 -19.64 19.09 -40.22
N ILE B 108 -19.74 19.33 -38.92
CA ILE B 108 -20.11 18.25 -38.01
C ILE B 108 -21.37 17.51 -38.47
N PRO B 109 -22.50 18.18 -38.67
CA PRO B 109 -23.70 17.42 -39.09
C PRO B 109 -23.60 16.86 -40.51
N ASP B 110 -22.66 17.30 -41.33
CA ASP B 110 -22.56 16.68 -42.66
C ASP B 110 -22.28 15.18 -42.51
N HIS B 111 -21.79 14.75 -41.34
CA HIS B 111 -21.38 13.36 -41.16
C HIS B 111 -22.54 12.40 -41.21
N PHE B 112 -23.77 12.90 -41.07
CA PHE B 112 -24.89 12.00 -41.29
C PHE B 112 -25.05 11.62 -42.77
N ASN B 113 -24.33 12.26 -43.68
CA ASN B 113 -24.37 11.86 -45.06
C ASN B 113 -23.31 10.85 -45.45
N PHE B 114 -22.39 10.47 -44.57
CA PHE B 114 -21.38 9.52 -45.05
C PHE B 114 -20.78 8.63 -43.97
N ALA B 115 -21.00 9.00 -42.72
CA ALA B 115 -20.24 8.39 -41.64
C ALA B 115 -21.20 7.69 -40.70
N ASP B 116 -20.89 6.42 -40.39
CA ASP B 116 -21.46 5.71 -39.26
C ASP B 116 -20.56 5.96 -38.05
N MET B 117 -20.85 7.02 -37.29
CA MET B 117 -20.00 7.39 -36.14
C MET B 117 -20.00 6.32 -35.03
N THR B 118 -21.11 5.62 -34.80
CA THR B 118 -21.02 4.52 -33.85
C THR B 118 -19.96 3.49 -34.25
N ARG B 119 -19.62 3.36 -35.53
CA ARG B 119 -18.59 2.40 -35.90
C ARG B 119 -17.28 3.07 -36.31
N SER B 120 -17.06 4.27 -35.80
CA SER B 120 -15.89 5.07 -36.14
C SER B 120 -15.04 5.27 -34.90
N LYS B 121 -13.73 5.46 -35.10
CA LYS B 121 -12.83 5.65 -33.97
C LYS B 121 -11.91 6.84 -34.23
N GLY B 122 -11.29 7.31 -33.16
CA GLY B 122 -10.45 8.48 -33.25
C GLY B 122 -9.11 8.15 -32.63
N SER B 123 -8.12 8.99 -32.92
CA SER B 123 -6.78 8.73 -32.42
C SER B 123 -6.02 10.04 -32.40
N LEU B 124 -5.24 10.28 -31.36
CA LEU B 124 -4.38 11.48 -31.36
C LEU B 124 -2.97 10.99 -31.06
N THR B 125 -2.09 11.09 -32.04
CA THR B 125 -0.74 10.57 -31.91
C THR B 125 0.25 11.73 -32.08
N TRP B 126 1.50 11.51 -31.71
CA TRP B 126 2.58 12.41 -32.13
C TRP B 126 3.35 11.67 -33.21
N ILE B 127 3.91 12.41 -34.16
CA ILE B 127 4.41 11.78 -35.39
C ILE B 127 5.85 12.16 -35.62
N GLU B 128 6.58 11.25 -36.26
CA GLU B 128 7.85 11.51 -36.91
C GLU B 128 7.65 11.27 -38.38
N GLU B 129 8.23 12.13 -39.18
CA GLU B 129 7.92 12.16 -40.60
C GLU B 129 9.22 12.41 -41.36
N PHE B 130 9.39 11.71 -42.49
CA PHE B 130 10.56 11.86 -43.36
C PHE B 130 10.05 12.01 -44.80
N THR B 131 10.13 13.22 -45.34
CA THR B 131 9.77 13.48 -46.72
C THR B 131 10.98 13.27 -47.63
N PHE B 132 10.87 12.38 -48.59
CA PHE B 132 12.08 12.06 -49.32
C PHE B 132 12.39 13.03 -50.44
N ALA B 133 11.49 13.94 -50.77
CA ALA B 133 11.73 14.84 -51.89
C ALA B 133 13.00 15.63 -51.60
N LEU B 134 13.91 15.73 -52.59
CA LEU B 134 15.09 16.57 -52.40
C LEU B 134 14.65 18.04 -52.34
N GLU B 135 14.96 18.72 -51.24
CA GLU B 135 14.53 20.13 -50.99
C GLU B 135 15.60 20.99 -50.29
N ASN C 8 14.19 28.06 11.63
CA ASN C 8 13.84 26.88 10.83
C ASN C 8 12.36 26.79 10.37
N ARG C 9 11.46 27.54 11.02
CA ARG C 9 10.04 27.39 10.76
C ARG C 9 9.60 28.14 9.49
N LEU C 10 9.06 27.40 8.53
CA LEU C 10 8.44 28.06 7.38
C LEU C 10 7.08 28.64 7.80
N LEU C 11 6.69 29.74 7.17
CA LEU C 11 5.39 30.38 7.39
C LEU C 11 4.53 30.15 6.16
N CYS C 12 3.22 30.12 6.35
CA CYS C 12 2.27 30.06 5.26
C CYS C 12 1.34 31.26 5.34
N TRP C 13 1.29 32.04 4.26
CA TRP C 13 0.35 33.16 4.10
C TRP C 13 -0.76 32.71 3.13
N SER C 14 -1.98 32.59 3.64
CA SER C 14 -3.12 32.01 2.95
C SER C 14 -4.17 33.10 2.85
N ILE C 15 -4.68 33.33 1.65
CA ILE C 15 -5.83 34.22 1.48
C ILE C 15 -6.98 33.40 0.93
N TYR C 16 -8.09 33.43 1.67
CA TYR C 16 -9.37 32.78 1.36
C TYR C 16 -10.26 33.77 0.61
N VAL C 17 -10.59 33.46 -0.63
CA VAL C 17 -11.22 34.42 -1.54
C VAL C 17 -12.64 33.99 -1.91
N THR C 18 -13.55 34.94 -1.81
CA THR C 18 -14.87 34.87 -2.41
C THR C 18 -14.81 35.61 -3.72
N LYS C 19 -15.32 34.99 -4.80
CA LYS C 19 -15.37 35.69 -6.07
C LYS C 19 -16.27 36.91 -6.01
N LYS C 20 -15.93 37.82 -6.92
CA LYS C 20 -16.73 39.03 -7.12
C LYS C 20 -18.16 38.56 -7.35
N PRO C 21 -19.12 39.26 -6.77
CA PRO C 21 -20.52 38.80 -6.83
C PRO C 21 -21.04 38.66 -8.24
N ASP C 22 -20.54 39.44 -9.19
CA ASP C 22 -21.10 39.46 -10.53
C ASP C 22 -20.39 38.50 -11.49
N GLN C 23 -19.63 37.56 -10.95
CA GLN C 23 -18.66 36.79 -11.71
C GLN C 23 -19.06 35.33 -11.70
N SER C 24 -19.01 34.68 -12.87
CA SER C 24 -19.25 33.25 -12.86
C SER C 24 -18.07 32.51 -12.25
N GLU C 25 -18.35 31.30 -11.80
CA GLU C 25 -17.27 30.41 -11.39
C GLU C 25 -16.23 30.28 -12.48
N GLU C 26 -16.67 30.12 -13.72
CA GLU C 26 -15.72 29.92 -14.81
C GLU C 26 -14.82 31.13 -14.98
N ASP C 27 -15.42 32.32 -15.09
CA ASP C 27 -14.58 33.48 -15.30
C ASP C 27 -13.58 33.63 -14.13
N HIS C 28 -14.02 33.38 -12.92
CA HIS C 28 -13.17 33.53 -11.74
C HIS C 28 -11.93 32.64 -11.80
N HIS C 29 -12.16 31.32 -11.90
CA HIS C 29 -11.07 30.36 -11.90
C HIS C 29 -10.26 30.49 -13.17
N ASN C 30 -10.93 30.81 -14.29
CA ASN C 30 -10.17 31.10 -15.49
C ASN C 30 -9.23 32.26 -15.25
N HIS C 31 -9.77 33.38 -14.76
CA HIS C 31 -8.91 34.54 -14.49
C HIS C 31 -7.79 34.16 -13.53
N VAL C 32 -8.15 33.50 -12.42
CA VAL C 32 -7.14 33.11 -11.44
C VAL C 32 -6.03 32.29 -12.10
N SER C 33 -6.43 31.26 -12.85
CA SER C 33 -5.42 30.32 -13.35
C SER C 33 -4.57 30.89 -14.46
N LYS C 34 -5.19 31.62 -15.40
CA LYS C 34 -4.68 31.96 -16.72
C LYS C 34 -4.20 33.39 -16.86
N VAL C 35 -4.76 34.31 -16.09
CA VAL C 35 -4.40 35.73 -16.14
C VAL C 35 -3.53 36.11 -14.96
N ASN C 36 -4.05 35.94 -13.74
CA ASN C 36 -3.37 36.42 -12.55
C ASN C 36 -2.11 35.61 -12.24
N ALA C 37 -2.18 34.29 -12.39
CA ALA C 37 -1.02 33.48 -12.01
C ALA C 37 0.19 33.82 -12.84
N PRO C 38 0.09 33.93 -14.16
CA PRO C 38 1.30 34.34 -14.90
C PRO C 38 1.79 35.70 -14.47
N MET C 39 0.91 36.54 -13.93
CA MET C 39 1.27 37.92 -13.62
C MET C 39 1.80 38.04 -12.17
N PBF C 40 1.48 37.05 -11.34
C PBF C 40 3.20 36.34 -9.68
O PBF C 40 4.00 36.82 -8.89
CA PBF C 40 1.86 37.07 -9.90
CB PBF C 40 0.78 36.35 -9.09
CG PBF C 40 0.74 36.60 -7.60
CD1 PBF C 40 -0.17 35.90 -6.83
CD2 PBF C 40 1.59 37.49 -6.97
CE1 PBF C 40 -0.25 36.07 -5.46
CE2 PBF C 40 1.52 37.67 -5.59
CZ PBF C 40 0.58 36.98 -4.83
CN1 PBF C 40 0.47 37.23 -3.37
ON2 PBF C 40 0.86 38.30 -2.95
CT PBF C 40 -0.14 36.26 -2.40
CI1 PBF C 40 -0.26 34.92 -2.74
CI2 PBF C 40 -0.64 36.68 -1.17
CK1 PBF C 40 -0.79 34.00 -1.84
CK2 PBF C 40 -1.18 35.77 -0.28
CL PBF C 40 -1.23 34.43 -0.61
N ILE C 41 3.37 35.20 -10.32
CA ILE C 41 4.47 34.29 -10.02
C ILE C 41 5.91 34.92 -10.18
N PRO C 42 6.11 35.76 -11.20
CA PRO C 42 7.40 36.47 -11.29
C PRO C 42 7.71 37.26 -10.02
N PHE C 43 6.74 37.89 -9.37
CA PHE C 43 7.07 38.59 -8.12
C PHE C 43 7.33 37.63 -6.97
N LEU C 44 6.69 36.47 -6.97
CA LEU C 44 6.94 35.49 -5.92
C LEU C 44 8.38 34.98 -6.00
N LYS C 45 8.81 34.57 -7.20
CA LYS C 45 10.18 34.14 -7.42
C LYS C 45 11.15 35.28 -7.11
N LYS C 46 10.83 36.49 -7.56
CA LYS C 46 11.69 37.62 -7.24
C LYS C 46 11.90 37.75 -5.73
N TYR C 47 10.86 37.56 -4.92
CA TYR C 47 11.05 37.81 -3.50
C TYR C 47 11.27 36.54 -2.71
N GLY C 48 11.61 35.43 -3.39
CA GLY C 48 12.07 34.24 -2.70
C GLY C 48 10.99 33.42 -2.00
N ILE C 49 9.73 33.54 -2.42
CA ILE C 49 8.68 32.65 -1.94
C ILE C 49 9.10 31.23 -2.22
N VAL C 50 8.81 30.33 -1.27
CA VAL C 50 9.17 28.94 -1.44
C VAL C 50 8.21 28.26 -2.41
N ARG C 51 6.91 28.50 -2.26
CA ARG C 51 5.95 27.77 -3.06
C ARG C 51 4.66 28.56 -3.10
N TYR C 52 3.96 28.42 -4.20
CA TYR C 52 2.70 29.09 -4.38
C TYR C 52 1.71 28.02 -4.73
N THR C 53 0.62 28.00 -3.98
CA THR C 53 -0.44 27.06 -4.18
C THR C 53 -1.76 27.82 -4.32
N VAL C 54 -2.56 27.46 -5.31
CA VAL C 54 -3.91 27.95 -5.49
C VAL C 54 -4.82 26.77 -5.40
N LYS C 55 -5.77 26.82 -4.46
CA LYS C 55 -6.78 25.80 -4.29
C LYS C 55 -8.07 26.30 -4.91
N HIS C 56 -8.73 25.44 -5.70
CA HIS C 56 -9.99 25.79 -6.34
C HIS C 56 -11.13 24.99 -5.73
N ASN C 57 -12.25 25.66 -5.48
CA ASN C 57 -13.48 24.99 -5.04
C ASN C 57 -14.48 25.26 -6.17
N ASP C 58 -14.48 24.40 -7.20
CA ASP C 58 -15.26 24.72 -8.39
C ASP C 58 -15.96 23.47 -8.88
N ALA C 59 -16.50 23.53 -10.10
CA ALA C 59 -17.28 22.39 -10.61
C ALA C 59 -16.46 21.11 -10.64
N TYR C 60 -15.13 21.22 -10.76
CA TYR C 60 -14.33 20.00 -10.86
C TYR C 60 -14.25 19.31 -9.53
N SER C 61 -14.31 20.08 -8.46
CA SER C 61 -13.94 19.49 -7.19
C SER C 61 -15.13 19.29 -6.28
N LYS C 62 -16.21 20.04 -6.50
CA LYS C 62 -17.37 19.96 -5.61
C LYS C 62 -17.97 18.57 -5.52
N PRO C 63 -18.06 17.78 -6.59
CA PRO C 63 -18.62 16.42 -6.45
C PRO C 63 -17.71 15.47 -5.70
N LYS C 64 -16.37 15.60 -5.88
CA LYS C 64 -15.47 14.86 -5.00
C LYS C 64 -15.62 15.29 -3.55
N GLN C 65 -15.76 16.59 -3.31
CA GLN C 65 -16.03 17.09 -1.98
C GLN C 65 -17.39 16.57 -1.49
N ALA C 66 -18.41 16.65 -2.37
CA ALA C 66 -19.72 16.10 -2.05
C ALA C 66 -19.63 14.63 -1.67
N ALA C 67 -18.95 13.82 -2.52
CA ALA C 67 -18.72 12.41 -2.18
C ALA C 67 -18.09 12.25 -0.81
N LEU C 68 -17.10 13.08 -0.50
CA LEU C 68 -16.33 12.90 0.73
C LEU C 68 -17.16 13.29 1.95
N MET C 69 -17.87 14.40 1.90
CA MET C 69 -18.52 14.92 3.08
C MET C 69 -20.04 14.67 3.11
N ALA C 70 -20.54 13.92 2.15
CA ALA C 70 -21.98 13.65 2.04
C ALA C 70 -22.57 13.24 3.39
N GLY C 71 -23.77 13.69 3.65
CA GLY C 71 -24.38 13.38 4.91
C GLY C 71 -24.18 14.43 5.96
N GLN C 72 -23.18 15.30 5.81
CA GLN C 72 -22.95 16.37 6.76
C GLN C 72 -23.71 17.60 6.35
N PRO C 73 -23.98 18.49 7.31
CA PRO C 73 -24.51 19.81 6.98
C PRO C 73 -23.60 20.46 5.97
N GLU C 74 -24.22 21.14 5.01
CA GLU C 74 -23.49 21.95 4.04
C GLU C 74 -22.55 22.95 4.71
N GLU C 75 -22.87 23.37 5.93
CA GLU C 75 -22.08 24.42 6.56
C GLU C 75 -20.75 23.89 7.11
N ASN C 76 -20.52 22.58 7.10
CA ASN C 76 -19.24 22.02 7.49
C ASN C 76 -18.19 22.16 6.40
N VAL C 77 -18.55 22.71 5.24
CA VAL C 77 -17.61 22.96 4.17
C VAL C 77 -17.12 24.40 4.26
N LEU C 78 -15.79 24.59 4.19
CA LEU C 78 -15.26 25.95 4.07
C LEU C 78 -15.44 26.40 2.64
N ALA C 79 -16.38 27.31 2.39
CA ALA C 79 -16.87 27.49 1.04
C ALA C 79 -16.25 28.69 0.30
N TYR C 80 -14.94 28.89 0.35
CA TYR C 80 -14.35 29.95 -0.44
C TYR C 80 -14.14 29.46 -1.86
N ASP C 81 -14.17 30.38 -2.83
CA ASP C 81 -13.95 29.97 -4.23
C ASP C 81 -12.51 29.50 -4.48
N THR C 82 -11.51 30.28 -4.04
CA THR C 82 -10.10 29.99 -4.24
C THR C 82 -9.34 30.29 -2.96
N VAL C 83 -8.28 29.54 -2.69
CA VAL C 83 -7.38 29.87 -1.61
C VAL C 83 -5.99 30.05 -2.17
N PHE C 84 -5.37 31.17 -1.83
CA PHE C 84 -4.05 31.53 -2.28
C PHE C 84 -3.09 31.33 -1.11
N GLU C 85 -2.11 30.45 -1.27
CA GLU C 85 -1.10 30.18 -0.23
C GLU C 85 0.31 30.40 -0.78
N ILE C 86 1.12 31.15 -0.04
CA ILE C 86 2.57 31.19 -0.27
C ILE C 86 3.27 30.70 0.97
N ILE C 87 4.17 29.73 0.78
CA ILE C 87 5.10 29.33 1.82
C ILE C 87 6.29 30.29 1.71
N VAL C 88 6.65 30.94 2.81
CA VAL C 88 7.74 31.91 2.84
C VAL C 88 8.60 31.59 4.06
N LYS C 89 9.88 32.00 3.96
CA LYS C 89 10.80 31.86 5.09
C LYS C 89 10.63 32.97 6.12
N ASP C 90 10.05 34.10 5.75
CA ASP C 90 9.76 35.15 6.72
C ASP C 90 8.78 36.12 6.09
N ILE C 91 8.16 36.99 6.90
CA ILE C 91 7.20 37.91 6.30
C ILE C 91 7.87 39.12 5.63
N GLU C 92 9.12 39.42 5.99
CA GLU C 92 9.83 40.48 5.26
C GLU C 92 9.78 40.23 3.76
N SER C 93 9.94 38.98 3.31
CA SER C 93 9.76 38.68 1.87
C SER C 93 8.52 39.37 1.34
N ILE C 94 7.40 39.21 2.05
CA ILE C 94 6.12 39.60 1.52
C ILE C 94 5.95 41.10 1.61
N GLN C 95 6.33 41.68 2.75
CA GLN C 95 6.24 43.13 2.94
C GLN C 95 7.11 43.86 1.94
N THR C 96 8.31 43.36 1.71
CA THR C 96 9.10 43.94 0.65
C THR C 96 8.34 43.82 -0.67
N MET C 97 7.87 42.61 -1.02
CA MET C 97 7.18 42.42 -2.28
C MET C 97 6.06 43.42 -2.47
N GLN C 98 5.33 43.71 -1.38
CA GLN C 98 4.15 44.62 -1.42
C GLN C 98 4.59 46.06 -1.66
N LYS C 99 5.84 46.41 -1.35
CA LYS C 99 6.31 47.74 -1.72
C LYS C 99 6.74 47.83 -3.17
N ASP C 100 6.93 46.70 -3.84
CA ASP C 100 7.46 46.71 -5.20
C ASP C 100 6.63 47.60 -6.11
N GLU C 101 7.32 48.35 -6.97
CA GLU C 101 6.66 49.34 -7.81
C GLU C 101 5.73 48.70 -8.84
N GLU C 102 6.25 47.74 -9.62
CA GLU C 102 5.44 47.15 -10.69
C GLU C 102 4.35 46.26 -10.11
N PHE C 103 4.61 45.68 -8.93
CA PHE C 103 3.62 44.87 -8.23
C PHE C 103 2.39 45.70 -7.90
N LEU C 104 2.62 46.95 -7.47
CA LEU C 104 1.55 47.85 -7.09
C LEU C 104 0.67 48.23 -8.27
N ARG C 105 1.27 48.47 -9.44
CA ARG C 105 0.48 48.92 -10.60
C ARG C 105 -0.17 47.77 -11.36
N THR C 106 0.37 46.55 -11.29
CA THR C 106 -0.11 45.43 -12.09
C THR C 106 -0.82 44.39 -11.22
N THR C 107 -0.08 43.60 -10.44
CA THR C 107 -0.72 42.43 -9.87
C THR C 107 -1.67 42.77 -8.72
N ILE C 108 -1.41 43.82 -7.94
CA ILE C 108 -2.30 44.15 -6.83
C ILE C 108 -3.64 44.67 -7.34
N PRO C 109 -3.67 45.52 -8.38
CA PRO C 109 -4.98 45.95 -8.91
C PRO C 109 -5.76 44.83 -9.58
N ASP C 110 -5.09 43.75 -9.97
CA ASP C 110 -5.78 42.67 -10.64
C ASP C 110 -6.87 42.03 -9.80
N HIS C 111 -6.83 42.19 -8.47
CA HIS C 111 -7.83 41.54 -7.60
C HIS C 111 -9.21 42.05 -7.91
N PHE C 112 -9.29 43.26 -8.47
CA PHE C 112 -10.54 43.79 -9.03
C PHE C 112 -11.21 42.82 -10.00
N ASN C 113 -10.44 41.97 -10.65
CA ASN C 113 -10.99 41.04 -11.66
C ASN C 113 -11.48 39.72 -11.04
N PHE C 114 -11.35 39.50 -9.73
CA PHE C 114 -11.73 38.17 -9.18
C PHE C 114 -11.97 38.11 -7.67
N ALA C 115 -11.59 39.15 -6.93
CA ALA C 115 -11.64 39.02 -5.46
C ALA C 115 -12.68 39.98 -4.89
N ASP C 116 -13.73 39.41 -4.32
CA ASP C 116 -14.48 40.20 -3.36
C ASP C 116 -13.65 40.34 -2.09
N MET C 117 -12.87 41.43 -1.96
CA MET C 117 -12.03 41.58 -0.75
C MET C 117 -12.86 41.76 0.50
N THR C 118 -14.12 42.19 0.38
CA THR C 118 -14.94 42.30 1.57
C THR C 118 -15.37 40.94 2.08
N ARG C 119 -15.38 39.89 1.25
CA ARG C 119 -15.77 38.59 1.76
C ARG C 119 -14.61 37.61 1.78
N SER C 120 -13.38 38.09 1.99
CA SER C 120 -12.21 37.25 1.93
C SER C 120 -11.41 37.39 3.22
N LYS C 121 -10.66 36.35 3.59
CA LYS C 121 -9.90 36.37 4.83
C LYS C 121 -8.45 35.94 4.61
N GLY C 122 -7.60 36.34 5.53
CA GLY C 122 -6.20 35.99 5.50
C GLY C 122 -5.88 35.21 6.75
N SER C 123 -4.77 34.47 6.67
CA SER C 123 -4.25 33.61 7.73
C SER C 123 -2.76 33.49 7.48
N LEU C 124 -1.98 33.86 8.47
CA LEU C 124 -0.54 33.62 8.47
C LEU C 124 -0.24 32.58 9.56
N THR C 125 0.25 31.39 9.14
CA THR C 125 0.55 30.29 10.05
C THR C 125 2.03 29.90 10.01
N TRP C 126 2.50 29.13 10.99
CA TRP C 126 3.73 28.41 10.76
C TRP C 126 3.41 26.94 10.52
N ILE C 127 4.26 26.25 9.76
CA ILE C 127 3.91 24.93 9.25
C ILE C 127 4.91 23.86 9.63
N GLU C 128 4.39 22.66 9.79
CA GLU C 128 5.13 21.42 9.68
C GLU C 128 4.62 20.69 8.44
N GLU C 129 5.52 20.18 7.66
CA GLU C 129 5.13 19.58 6.38
C GLU C 129 5.90 18.28 6.22
N PHE C 130 5.22 17.23 5.76
CA PHE C 130 5.85 15.94 5.50
C PHE C 130 5.47 15.51 4.11
N THR C 131 6.47 15.25 3.27
CA THR C 131 6.25 14.73 1.94
C THR C 131 6.65 13.26 1.91
N PHE C 132 5.86 12.44 1.25
CA PHE C 132 5.96 11.00 1.47
C PHE C 132 6.63 10.25 0.32
N ARG D 9 -5.93 15.85 -11.80
CA ARG D 9 -5.59 17.06 -10.99
C ARG D 9 -5.33 16.72 -9.53
N LEU D 10 -4.31 17.33 -8.94
CA LEU D 10 -3.99 17.04 -7.55
C LEU D 10 -5.02 17.68 -6.64
N LEU D 11 -5.35 17.00 -5.55
CA LEU D 11 -6.46 17.41 -4.69
C LEU D 11 -5.92 17.75 -3.31
N CYS D 12 -6.48 18.78 -2.70
CA CYS D 12 -6.13 19.11 -1.32
C CYS D 12 -7.36 18.94 -0.42
N TRP D 13 -7.27 18.02 0.52
CA TRP D 13 -8.31 17.83 1.53
C TRP D 13 -7.84 18.56 2.78
N SER D 14 -8.56 19.63 3.14
CA SER D 14 -8.19 20.53 4.23
C SER D 14 -9.11 20.34 5.43
N ILE D 15 -8.56 20.37 6.63
CA ILE D 15 -9.40 20.30 7.81
C ILE D 15 -9.04 21.50 8.69
N TYR D 16 -10.05 22.30 9.03
CA TYR D 16 -9.85 23.55 9.77
C TYR D 16 -10.34 23.31 11.18
N VAL D 17 -9.44 23.39 12.15
CA VAL D 17 -9.69 22.87 13.47
C VAL D 17 -9.70 24.01 14.48
N THR D 18 -10.80 24.08 15.24
CA THR D 18 -10.88 24.87 16.47
C THR D 18 -10.50 23.98 17.64
N LYS D 19 -9.60 24.48 18.48
CA LYS D 19 -9.13 23.69 19.59
C LYS D 19 -10.26 23.54 20.61
N LYS D 20 -10.13 22.54 21.51
CA LYS D 20 -11.14 22.38 22.54
C LYS D 20 -11.22 23.63 23.39
N PRO D 21 -12.42 24.10 23.76
CA PRO D 21 -12.52 25.40 24.47
C PRO D 21 -11.82 25.42 25.82
N ASP D 22 -11.64 24.30 26.50
CA ASP D 22 -11.00 24.34 27.80
C ASP D 22 -9.51 24.04 27.71
N GLN D 23 -8.91 24.20 26.54
CA GLN D 23 -7.55 23.77 26.31
C GLN D 23 -6.71 24.98 25.97
N SER D 24 -5.50 24.97 26.48
CA SER D 24 -4.55 26.05 26.14
C SER D 24 -4.03 25.91 24.71
N GLU D 25 -3.66 27.02 24.11
CA GLU D 25 -2.99 26.97 22.80
C GLU D 25 -1.77 26.04 22.90
N GLU D 26 -0.92 26.28 23.88
CA GLU D 26 0.31 25.45 24.04
C GLU D 26 -0.13 24.00 24.07
N ASP D 27 -1.15 23.71 24.87
CA ASP D 27 -1.58 22.32 24.96
C ASP D 27 -2.06 21.82 23.61
N HIS D 28 -2.88 22.64 22.94
CA HIS D 28 -3.39 22.28 21.62
C HIS D 28 -2.24 21.96 20.65
N HIS D 29 -1.40 22.95 20.36
CA HIS D 29 -0.38 22.73 19.34
C HIS D 29 0.61 21.66 19.76
N ASN D 30 0.88 21.54 21.07
CA ASN D 30 1.74 20.44 21.52
C ASN D 30 1.12 19.08 21.20
N HIS D 31 -0.18 18.92 21.49
CA HIS D 31 -0.79 17.64 21.21
C HIS D 31 -0.75 17.33 19.69
N VAL D 32 -1.00 18.34 18.86
CA VAL D 32 -1.05 18.15 17.41
C VAL D 32 0.30 17.69 16.89
N SER D 33 1.38 18.39 17.30
CA SER D 33 2.70 18.12 16.75
C SER D 33 3.26 16.82 17.30
N LYS D 34 3.01 16.54 18.58
CA LYS D 34 3.76 15.47 19.23
C LYS D 34 2.98 14.18 19.33
N VAL D 35 1.67 14.27 19.54
CA VAL D 35 0.83 13.12 19.68
C VAL D 35 0.11 12.78 18.38
N ASN D 36 -0.59 13.75 17.82
CA ASN D 36 -1.50 13.40 16.75
C ASN D 36 -0.78 13.19 15.41
N ALA D 37 0.18 14.04 15.08
CA ALA D 37 1.05 13.92 13.92
C ALA D 37 1.63 12.52 13.78
N PRO D 38 2.43 12.03 14.73
CA PRO D 38 2.96 10.66 14.61
C PRO D 38 1.90 9.60 14.59
N MET D 39 0.72 9.86 15.15
CA MET D 39 -0.34 8.86 15.12
C MET D 39 -0.80 8.73 13.67
N PBF D 40 -0.88 9.88 13.00
C PBF D 40 -0.77 9.75 10.52
O PBF D 40 -1.22 9.08 9.56
CA PBF D 40 -1.64 10.10 11.74
CB PBF D 40 -2.05 11.58 11.68
CG PBF D 40 -3.15 11.95 10.72
CD1 PBF D 40 -3.54 13.26 10.58
CD2 PBF D 40 -3.84 11.00 9.98
CE1 PBF D 40 -4.55 13.64 9.72
CE2 PBF D 40 -4.86 11.36 9.12
CZ PBF D 40 -5.26 12.69 8.99
CN1 PBF D 40 -6.33 13.09 8.03
ON2 PBF D 40 -7.22 12.31 7.71
CT PBF D 40 -6.33 14.46 7.42
CI1 PBF D 40 -7.52 15.07 7.01
CI2 PBF D 40 -5.13 15.07 7.08
CK1 PBF D 40 -7.49 16.32 6.42
CK2 PBF D 40 -5.10 16.31 6.47
CL PBF D 40 -6.28 16.94 6.14
N ILE D 41 0.49 10.14 10.60
CA ILE D 41 1.35 10.00 9.47
C ILE D 41 1.41 8.55 8.94
N PRO D 42 1.52 7.55 9.82
CA PRO D 42 1.57 6.17 9.29
C PRO D 42 0.44 5.85 8.35
N PHE D 43 -0.73 6.43 8.59
CA PHE D 43 -1.88 6.08 7.77
C PHE D 43 -1.83 6.82 6.46
N LEU D 44 -1.41 8.08 6.48
CA LEU D 44 -1.27 8.81 5.22
C LEU D 44 -0.24 8.13 4.32
N LYS D 45 0.85 7.65 4.89
CA LYS D 45 1.77 6.80 4.15
C LYS D 45 1.05 5.58 3.61
N LYS D 46 0.42 4.82 4.49
CA LYS D 46 -0.22 3.58 4.09
C LYS D 46 -1.13 3.76 2.88
N TYR D 47 -1.85 4.89 2.82
CA TYR D 47 -2.89 5.06 1.81
C TYR D 47 -2.48 5.99 0.69
N GLY D 48 -1.18 6.23 0.53
CA GLY D 48 -0.70 6.86 -0.68
C GLY D 48 -0.86 8.36 -0.71
N ILE D 49 -0.87 9.03 0.45
CA ILE D 49 -0.98 10.49 0.47
C ILE D 49 0.32 11.13 -0.02
N VAL D 50 0.19 12.18 -0.83
CA VAL D 50 1.36 12.83 -1.38
C VAL D 50 2.11 13.61 -0.30
N ARG D 51 1.38 14.39 0.48
CA ARG D 51 2.04 15.32 1.36
C ARG D 51 1.05 15.70 2.44
N TYR D 52 1.59 15.95 3.63
CA TYR D 52 0.81 16.32 4.80
C TYR D 52 1.38 17.61 5.37
N THR D 53 0.53 18.60 5.55
CA THR D 53 0.95 19.88 6.11
C THR D 53 0.03 20.24 7.26
N VAL D 54 0.64 20.56 8.40
CA VAL D 54 -0.03 21.05 9.58
C VAL D 54 0.27 22.53 9.64
N LYS D 55 -0.79 23.34 9.70
CA LYS D 55 -0.64 24.81 9.80
C LYS D 55 -0.99 25.23 11.23
N HIS D 56 -0.23 26.15 11.79
CA HIS D 56 -0.36 26.52 13.19
C HIS D 56 -0.60 28.02 13.29
N ASN D 57 -1.70 28.40 13.93
CA ASN D 57 -2.08 29.78 14.20
C ASN D 57 -2.00 30.01 15.72
N ASP D 58 -0.80 30.32 16.22
CA ASP D 58 -0.50 30.33 17.67
C ASP D 58 0.40 31.54 17.96
N ALA D 59 0.91 31.64 19.21
CA ALA D 59 1.64 32.83 19.65
C ALA D 59 2.91 33.06 18.82
N TYR D 60 3.55 32.00 18.31
CA TYR D 60 4.65 32.21 17.39
C TYR D 60 4.20 32.99 16.14
N SER D 61 3.02 32.67 15.60
CA SER D 61 2.69 33.19 14.26
C SER D 61 1.87 34.47 14.30
N LYS D 62 1.18 34.73 15.44
CA LYS D 62 0.10 35.70 15.47
C LYS D 62 0.67 37.10 15.34
N PRO D 63 1.86 37.36 15.91
CA PRO D 63 2.49 38.67 15.66
C PRO D 63 2.86 38.89 14.20
N LYS D 64 3.36 37.86 13.52
CA LYS D 64 3.61 37.99 12.07
C LYS D 64 2.31 38.17 11.30
N GLN D 65 1.28 37.39 11.67
CA GLN D 65 -0.03 37.61 11.07
C GLN D 65 -0.52 39.02 11.29
N ALA D 66 -0.27 39.57 12.49
CA ALA D 66 -0.83 40.87 12.79
C ALA D 66 -0.16 41.95 11.94
N ALA D 67 1.16 41.87 11.78
CA ALA D 67 1.83 42.75 10.81
C ALA D 67 1.19 42.63 9.44
N LEU D 68 1.12 41.41 8.90
CA LEU D 68 0.65 41.22 7.53
C LEU D 68 -0.80 41.63 7.35
N MET D 69 -1.61 41.47 8.40
CA MET D 69 -3.03 41.81 8.25
C MET D 69 -3.29 43.32 8.23
N ALA D 70 -2.29 44.15 8.55
CA ALA D 70 -2.31 45.58 8.19
C ALA D 70 -3.59 46.28 8.67
N GLY D 71 -3.76 46.30 9.99
CA GLY D 71 -4.97 46.88 10.58
C GLY D 71 -6.32 46.38 10.10
N GLN D 72 -6.33 45.27 9.36
CA GLN D 72 -7.63 44.80 8.84
C GLN D 72 -8.45 44.37 10.05
N PRO D 73 -9.79 44.33 9.97
CA PRO D 73 -10.61 43.87 11.09
C PRO D 73 -10.31 42.42 11.45
N GLU D 74 -10.57 42.08 12.71
CA GLU D 74 -10.30 40.72 13.17
C GLU D 74 -11.25 39.71 12.51
N GLU D 75 -12.40 40.19 12.03
CA GLU D 75 -13.32 39.35 11.26
C GLU D 75 -12.65 38.82 9.98
N ASN D 76 -11.67 39.53 9.44
CA ASN D 76 -11.03 39.12 8.18
C ASN D 76 -9.83 38.18 8.38
N VAL D 77 -9.56 37.74 9.61
CA VAL D 77 -8.50 36.78 9.87
C VAL D 77 -9.19 35.44 10.03
N LEU D 78 -8.74 34.41 9.30
CA LEU D 78 -9.27 33.08 9.60
C LEU D 78 -8.87 32.74 11.03
N ALA D 79 -9.79 32.21 11.79
CA ALA D 79 -9.61 32.06 13.22
C ALA D 79 -8.95 30.75 13.63
N TYR D 80 -9.03 29.73 12.79
CA TYR D 80 -8.79 28.35 13.22
C TYR D 80 -7.44 28.18 13.88
N ASP D 81 -7.38 27.26 14.84
CA ASP D 81 -6.11 27.14 15.56
C ASP D 81 -5.05 26.41 14.75
N THR D 82 -5.48 25.38 14.05
CA THR D 82 -4.60 24.52 13.28
C THR D 82 -5.34 24.09 12.04
N VAL D 83 -4.62 23.96 10.96
CA VAL D 83 -5.16 23.57 9.68
C VAL D 83 -4.33 22.40 9.20
N PHE D 84 -5.02 21.35 8.79
CA PHE D 84 -4.44 20.11 8.38
C PHE D 84 -4.70 19.98 6.89
N GLU D 85 -3.65 19.75 6.13
CA GLU D 85 -3.86 19.59 4.70
C GLU D 85 -3.19 18.33 4.21
N ILE D 86 -3.90 17.52 3.41
CA ILE D 86 -3.25 16.40 2.73
C ILE D 86 -3.49 16.52 1.24
N ILE D 87 -2.43 16.31 0.48
CA ILE D 87 -2.52 16.31 -0.97
C ILE D 87 -2.69 14.86 -1.41
N VAL D 88 -3.80 14.60 -2.11
CA VAL D 88 -4.03 13.26 -2.59
C VAL D 88 -4.18 13.36 -4.09
N LYS D 89 -3.95 12.23 -4.74
CA LYS D 89 -4.10 12.18 -6.18
C LYS D 89 -5.52 11.90 -6.61
N ASP D 90 -6.37 11.37 -5.71
CA ASP D 90 -7.80 11.27 -5.94
C ASP D 90 -8.46 10.96 -4.60
N ILE D 91 -9.79 11.17 -4.53
CA ILE D 91 -10.43 11.06 -3.21
C ILE D 91 -10.59 9.63 -2.71
N GLU D 92 -10.42 8.63 -3.59
CA GLU D 92 -10.44 7.22 -3.19
C GLU D 92 -9.41 6.98 -2.09
N SER D 93 -8.21 7.51 -2.29
CA SER D 93 -7.17 7.45 -1.29
C SER D 93 -7.76 7.77 0.11
N ILE D 94 -8.52 8.89 0.19
CA ILE D 94 -9.05 9.38 1.48
C ILE D 94 -10.24 8.56 1.92
N GLN D 95 -11.13 8.23 0.98
CA GLN D 95 -12.25 7.41 1.34
C GLN D 95 -11.79 6.07 1.91
N THR D 96 -10.72 5.50 1.34
CA THR D 96 -10.31 4.18 1.76
C THR D 96 -9.68 4.25 3.15
N MET D 97 -8.72 5.14 3.31
CA MET D 97 -8.10 5.32 4.62
C MET D 97 -9.14 5.49 5.71
N GLN D 98 -10.30 6.09 5.39
CA GLN D 98 -11.33 6.35 6.40
C GLN D 98 -12.06 5.10 6.82
N LYS D 99 -11.98 4.03 6.03
CA LYS D 99 -12.47 2.74 6.46
C LYS D 99 -11.42 1.95 7.22
N ASP D 100 -10.20 2.48 7.34
CA ASP D 100 -9.18 1.77 8.11
C ASP D 100 -9.64 1.64 9.56
N GLU D 101 -9.64 0.41 10.05
CA GLU D 101 -10.22 0.06 11.32
C GLU D 101 -9.42 0.67 12.48
N GLU D 102 -8.09 0.73 12.31
CA GLU D 102 -7.21 1.33 13.31
C GLU D 102 -7.31 2.86 13.26
N PHE D 103 -7.41 3.39 12.04
CA PHE D 103 -7.67 4.80 11.87
C PHE D 103 -8.95 5.18 12.60
N LEU D 104 -10.00 4.39 12.43
CA LEU D 104 -11.23 4.68 13.14
C LEU D 104 -11.02 4.51 14.63
N ARG D 105 -10.26 3.51 15.02
CA ARG D 105 -10.18 3.12 16.42
C ARG D 105 -9.28 4.05 17.25
N THR D 106 -8.23 4.65 16.64
CA THR D 106 -7.25 5.42 17.39
C THR D 106 -7.14 6.85 16.89
N THR D 107 -6.98 7.03 15.58
CA THR D 107 -6.64 8.35 15.09
C THR D 107 -7.81 9.29 15.22
N ILE D 108 -9.00 8.82 14.87
CA ILE D 108 -10.17 9.69 14.85
C ILE D 108 -10.57 10.07 16.27
N PRO D 109 -10.81 9.13 17.18
CA PRO D 109 -10.99 9.48 18.62
C PRO D 109 -9.88 10.31 19.27
N ASP D 110 -8.68 10.37 18.67
CA ASP D 110 -7.72 11.28 19.22
C ASP D 110 -8.14 12.74 19.07
N HIS D 111 -9.13 13.06 18.23
CA HIS D 111 -9.53 14.47 18.16
C HIS D 111 -10.17 14.94 19.47
N PHE D 112 -10.69 14.04 20.31
CA PHE D 112 -11.11 14.52 21.64
C PHE D 112 -9.96 15.10 22.45
N ASN D 113 -8.72 14.95 22.04
CA ASN D 113 -7.64 15.59 22.79
C ASN D 113 -7.31 17.01 22.34
N PHE D 114 -7.67 17.40 21.10
CA PHE D 114 -7.23 18.71 20.69
C PHE D 114 -8.23 19.55 19.93
N ALA D 115 -9.34 18.98 19.48
CA ALA D 115 -10.26 19.65 18.56
C ALA D 115 -11.68 19.61 19.08
N ASP D 116 -12.31 20.78 18.97
CA ASP D 116 -13.74 20.98 18.91
C ASP D 116 -14.20 20.71 17.48
N MET D 117 -14.68 19.49 17.23
CA MET D 117 -15.19 19.13 15.93
C MET D 117 -16.46 19.88 15.56
N THR D 118 -17.23 20.38 16.54
CA THR D 118 -18.41 21.16 16.12
C THR D 118 -18.01 22.52 15.56
N ARG D 119 -16.82 23.02 15.88
CA ARG D 119 -16.40 24.29 15.31
C ARG D 119 -15.35 24.09 14.24
N SER D 120 -15.31 22.92 13.64
CA SER D 120 -14.32 22.64 12.63
C SER D 120 -14.97 22.50 11.28
N LYS D 121 -14.18 22.69 10.21
CA LYS D 121 -14.70 22.63 8.85
C LYS D 121 -13.74 21.85 7.94
N GLY D 122 -14.29 21.40 6.81
CA GLY D 122 -13.55 20.57 5.88
C GLY D 122 -13.69 21.16 4.50
N SER D 123 -12.73 20.82 3.64
CA SER D 123 -12.67 21.39 2.30
C SER D 123 -11.97 20.38 1.39
N LEU D 124 -12.49 20.18 0.18
CA LEU D 124 -11.78 19.40 -0.82
C LEU D 124 -11.65 20.26 -2.05
N THR D 125 -10.43 20.58 -2.42
CA THR D 125 -10.17 21.42 -3.59
C THR D 125 -9.23 20.70 -4.54
N TRP D 126 -9.13 21.17 -5.79
CA TRP D 126 -8.01 20.81 -6.65
C TRP D 126 -7.02 21.97 -6.70
N ILE D 127 -5.75 21.67 -6.79
CA ILE D 127 -4.71 22.67 -6.60
C ILE D 127 -3.86 22.79 -7.85
N GLU D 128 -3.44 24.01 -8.15
CA GLU D 128 -2.25 24.28 -8.96
C GLU D 128 -1.16 24.75 -8.02
N GLU D 129 0.04 24.19 -8.18
CA GLU D 129 1.14 24.49 -7.30
C GLU D 129 2.35 24.91 -8.11
N PHE D 130 3.07 25.89 -7.59
CA PHE D 130 4.35 26.26 -8.19
C PHE D 130 5.42 26.21 -7.10
N THR D 131 6.40 25.32 -7.26
CA THR D 131 7.53 25.28 -6.35
C THR D 131 8.72 25.98 -7.04
N PHE D 132 9.34 26.90 -6.35
CA PHE D 132 10.26 27.80 -7.03
C PHE D 132 11.69 27.36 -6.87
N ALA D 133 11.94 26.34 -6.04
CA ALA D 133 13.26 25.74 -5.97
C ALA D 133 13.67 25.36 -7.38
N LEU D 134 14.89 25.72 -7.73
CA LEU D 134 15.52 25.21 -8.94
C LEU D 134 15.65 23.69 -8.85
N GLU D 135 15.18 23.01 -9.87
CA GLU D 135 15.27 21.57 -9.85
C GLU D 135 15.50 21.02 -11.25
N ARG E 9 2.21 -27.31 39.51
CA ARG E 9 3.15 -26.18 39.36
C ARG E 9 2.56 -24.97 38.59
N LEU E 10 2.46 -23.84 39.27
CA LEU E 10 2.07 -22.61 38.60
C LEU E 10 3.28 -21.96 37.90
N LEU E 11 2.99 -21.19 36.89
CA LEU E 11 4.01 -20.48 36.13
C LEU E 11 3.81 -19.00 36.35
N CYS E 12 4.92 -18.27 36.21
CA CYS E 12 4.92 -16.82 36.22
C CYS E 12 5.57 -16.27 34.94
N TRP E 13 4.81 -15.50 34.21
CA TRP E 13 5.26 -14.80 33.02
C TRP E 13 5.48 -13.34 33.45
N SER E 14 6.73 -12.90 33.45
CA SER E 14 7.13 -11.57 33.83
C SER E 14 7.76 -10.86 32.65
N ILE E 15 7.37 -9.62 32.44
CA ILE E 15 8.00 -8.72 31.50
C ILE E 15 8.60 -7.56 32.28
N TYR E 16 9.83 -7.25 31.97
CA TYR E 16 10.54 -6.19 32.63
C TYR E 16 10.56 -5.05 31.66
N VAL E 17 9.85 -3.97 31.98
CA VAL E 17 9.58 -2.92 31.03
C VAL E 17 10.42 -1.69 31.36
N THR E 18 11.12 -1.20 30.38
CA THR E 18 11.67 0.13 30.42
C THR E 18 10.69 1.12 29.77
N LYS E 19 10.53 2.29 30.38
CA LYS E 19 9.55 3.21 29.87
C LYS E 19 10.00 3.79 28.54
N LYS E 20 9.07 4.41 27.85
CA LYS E 20 9.46 5.02 26.61
C LYS E 20 10.42 6.17 26.90
N PRO E 21 11.52 6.28 26.15
CA PRO E 21 12.55 7.26 26.50
C PRO E 21 12.12 8.70 26.38
N ASP E 22 11.07 9.02 25.63
CA ASP E 22 10.53 10.38 25.57
C ASP E 22 9.34 10.58 26.52
N GLN E 23 9.36 9.91 27.68
CA GLN E 23 8.16 9.79 28.49
C GLN E 23 8.56 9.84 29.95
N SER E 24 7.92 10.73 30.67
CA SER E 24 8.19 10.87 32.12
C SER E 24 7.75 9.61 32.88
N GLU E 25 8.46 9.28 33.94
CA GLU E 25 8.05 8.16 34.81
C GLU E 25 6.56 8.33 35.13
N GLU E 26 6.15 9.56 35.42
CA GLU E 26 4.75 9.85 35.83
C GLU E 26 3.80 9.49 34.70
N ASP E 27 4.09 9.92 33.48
CA ASP E 27 3.23 9.49 32.38
C ASP E 27 3.22 7.96 32.25
N HIS E 28 4.41 7.35 32.23
CA HIS E 28 4.54 5.90 32.23
C HIS E 28 3.65 5.25 33.28
N HIS E 29 3.83 5.61 34.57
CA HIS E 29 3.09 4.90 35.60
C HIS E 29 1.62 5.24 35.56
N ASN E 30 1.26 6.47 35.25
CA ASN E 30 -0.16 6.81 35.16
C ASN E 30 -0.86 5.98 34.09
N HIS E 31 -0.26 5.90 32.89
CA HIS E 31 -0.86 5.14 31.80
C HIS E 31 -0.99 3.67 32.16
N VAL E 32 0.11 3.10 32.65
CA VAL E 32 0.09 1.68 32.99
C VAL E 32 -1.06 1.40 33.95
N SER E 33 -1.27 2.29 34.95
CA SER E 33 -2.18 2.05 36.05
C SER E 33 -3.62 2.41 35.68
N LYS E 34 -3.83 3.59 35.08
CA LYS E 34 -5.18 4.10 34.83
C LYS E 34 -5.73 3.78 33.43
N VAL E 35 -4.89 3.67 32.40
CA VAL E 35 -5.35 3.38 31.03
C VAL E 35 -5.21 1.89 30.69
N ASN E 36 -4.01 1.34 30.93
CA ASN E 36 -3.75 -0.04 30.55
C ASN E 36 -4.44 -1.06 31.46
N ALA E 37 -4.28 -0.95 32.77
CA ALA E 37 -4.89 -1.98 33.62
C ALA E 37 -6.31 -2.33 33.17
N PRO E 38 -7.22 -1.35 33.10
CA PRO E 38 -8.64 -1.69 32.90
C PRO E 38 -8.91 -2.33 31.56
N MET E 39 -8.01 -2.15 30.60
CA MET E 39 -8.24 -2.79 29.34
C MET E 39 -7.57 -4.17 29.26
N PBF E 40 -6.66 -4.49 30.16
C PBF E 40 -6.57 -6.81 30.93
O PBF E 40 -6.63 -7.98 30.54
CA PBF E 40 -5.92 -5.76 30.04
CB PBF E 40 -4.45 -5.55 30.40
CG PBF E 40 -3.47 -6.66 30.16
CD1 PBF E 40 -2.24 -6.64 30.80
CD2 PBF E 40 -3.73 -7.72 29.31
CE1 PBF E 40 -1.29 -7.62 30.60
CE2 PBF E 40 -2.80 -8.72 29.11
CZ PBF E 40 -1.56 -8.68 29.74
CN1 PBF E 40 -0.57 -9.76 29.50
ON2 PBF E 40 -0.75 -10.53 28.57
CT PBF E 40 0.64 -9.94 30.35
CI1 PBF E 40 0.64 -9.63 31.70
CI2 PBF E 40 1.80 -10.47 29.79
CK1 PBF E 40 1.78 -9.82 32.47
CK2 PBF E 40 2.93 -10.66 30.56
CL PBF E 40 2.92 -10.33 31.90
N ILE E 41 -7.07 -6.38 32.08
CA ILE E 41 -7.58 -7.35 33.04
C ILE E 41 -8.76 -8.20 32.51
N PRO E 42 -9.64 -7.66 31.67
CA PRO E 42 -10.72 -8.51 31.13
C PRO E 42 -10.21 -9.64 30.22
N PHE E 43 -9.14 -9.42 29.45
CA PHE E 43 -8.51 -10.52 28.73
C PHE E 43 -7.83 -11.49 29.67
N LEU E 44 -7.27 -10.98 30.78
CA LEU E 44 -6.62 -11.88 31.71
C LEU E 44 -7.65 -12.78 32.40
N LYS E 45 -8.81 -12.20 32.77
CA LYS E 45 -9.92 -13.02 33.25
C LYS E 45 -10.35 -14.02 32.18
N LYS E 46 -10.64 -13.54 30.98
CA LYS E 46 -11.17 -14.46 30.00
C LYS E 46 -10.29 -15.68 29.86
N TYR E 47 -8.97 -15.52 29.94
CA TYR E 47 -8.10 -16.65 29.68
C TYR E 47 -7.61 -17.35 30.93
N GLY E 48 -8.19 -17.03 32.09
CA GLY E 48 -7.88 -17.78 33.31
C GLY E 48 -6.54 -17.49 33.95
N ILE E 49 -5.98 -16.31 33.71
CA ILE E 49 -4.82 -15.90 34.53
C ILE E 49 -5.23 -15.99 36.00
N VAL E 50 -4.33 -16.51 36.83
CA VAL E 50 -4.58 -16.61 38.25
C VAL E 50 -4.37 -15.26 38.94
N ARG E 51 -3.35 -14.52 38.52
CA ARG E 51 -3.03 -13.27 39.18
C ARG E 51 -2.23 -12.38 38.24
N TYR E 52 -2.45 -11.08 38.38
CA TYR E 52 -1.81 -10.07 37.56
C TYR E 52 -1.22 -9.07 38.54
N THR E 53 0.09 -8.85 38.45
CA THR E 53 0.75 -7.88 39.33
C THR E 53 1.54 -6.90 38.47
N VAL E 54 1.33 -5.62 38.67
CA VAL E 54 2.16 -4.58 38.14
C VAL E 54 3.04 -4.11 39.30
N LYS E 55 4.35 -4.20 39.11
CA LYS E 55 5.32 -3.68 40.06
C LYS E 55 5.88 -2.38 39.51
N HIS E 56 5.90 -1.36 40.36
CA HIS E 56 6.37 -0.02 40.01
C HIS E 56 7.66 0.30 40.73
N ASN E 57 8.63 0.77 39.98
CA ASN E 57 9.89 1.26 40.51
C ASN E 57 9.89 2.75 40.18
N ASP E 58 9.31 3.55 41.06
CA ASP E 58 9.12 4.97 40.80
C ASP E 58 9.39 5.78 42.08
N ALA E 59 9.02 7.06 42.03
CA ALA E 59 9.33 7.99 43.11
C ALA E 59 8.82 7.49 44.45
N TYR E 60 7.69 6.79 44.47
CA TYR E 60 7.14 6.30 45.72
C TYR E 60 7.99 5.19 46.33
N SER E 61 8.45 4.25 45.53
CA SER E 61 9.15 3.11 46.10
C SER E 61 10.65 3.35 46.23
N LYS E 62 11.21 4.23 45.47
CA LYS E 62 12.68 4.33 45.38
C LYS E 62 13.40 4.72 46.68
N PRO E 63 12.85 5.61 47.51
CA PRO E 63 13.52 5.89 48.82
C PRO E 63 13.65 4.64 49.66
N LYS E 64 12.53 3.94 49.78
CA LYS E 64 12.49 2.62 50.39
C LYS E 64 13.50 1.67 49.77
N GLN E 65 13.53 1.58 48.44
CA GLN E 65 14.55 0.76 47.83
C GLN E 65 15.95 1.19 48.29
N ALA E 66 16.22 2.50 48.26
CA ALA E 66 17.54 3.02 48.62
C ALA E 66 17.94 2.58 50.03
N ALA E 67 16.95 2.54 50.94
CA ALA E 67 17.22 2.07 52.29
C ALA E 67 17.67 0.62 52.28
N LEU E 68 16.91 -0.24 51.63
CA LEU E 68 17.23 -1.67 51.74
C LEU E 68 18.50 -1.99 51.00
N MET E 69 18.78 -1.26 49.95
CA MET E 69 19.92 -1.59 49.12
C MET E 69 21.14 -0.75 49.45
N ALA E 70 21.05 0.14 50.43
CA ALA E 70 22.19 0.97 50.84
C ALA E 70 23.46 0.14 50.90
N GLY E 71 24.54 0.71 50.38
CA GLY E 71 25.82 0.07 50.39
C GLY E 71 26.13 -0.77 49.16
N GLN E 72 25.14 -0.97 48.28
CA GLN E 72 25.34 -1.83 47.10
C GLN E 72 25.51 -0.97 45.88
N PRO E 73 26.38 -1.40 44.96
CA PRO E 73 26.54 -0.67 43.69
C PRO E 73 25.20 -0.51 43.00
N GLU E 74 25.01 0.63 42.34
CA GLU E 74 23.76 0.81 41.62
C GLU E 74 23.54 -0.31 40.58
N GLU E 75 24.62 -0.94 40.10
CA GLU E 75 24.43 -2.02 39.14
C GLU E 75 23.79 -3.25 39.79
N ASN E 76 23.77 -3.35 41.11
CA ASN E 76 23.08 -4.44 41.77
C ASN E 76 21.58 -4.19 41.93
N VAL E 77 21.06 -3.09 41.42
CA VAL E 77 19.67 -2.76 41.56
C VAL E 77 19.02 -2.92 40.19
N LEU E 78 17.90 -3.65 40.13
CA LEU E 78 17.17 -3.79 38.89
C LEU E 78 16.69 -2.42 38.40
N ALA E 79 16.81 -2.16 37.11
CA ALA E 79 16.64 -0.80 36.62
C ALA E 79 15.32 -0.53 35.92
N TYR E 80 14.44 -1.52 35.82
CA TYR E 80 13.20 -1.37 35.05
C TYR E 80 12.20 -0.45 35.73
N ASP E 81 11.39 0.21 34.89
CA ASP E 81 10.34 1.08 35.43
C ASP E 81 9.14 0.31 35.96
N THR E 82 8.75 -0.75 35.26
CA THR E 82 7.59 -1.55 35.60
C THR E 82 7.95 -3.00 35.31
N VAL E 83 7.38 -3.90 36.08
CA VAL E 83 7.37 -5.33 35.76
C VAL E 83 5.91 -5.79 35.73
N PHE E 84 5.53 -6.48 34.65
CA PHE E 84 4.22 -7.10 34.53
C PHE E 84 4.37 -8.60 34.73
N GLU E 85 3.54 -9.16 35.61
CA GLU E 85 3.59 -10.57 35.97
C GLU E 85 2.18 -11.14 35.98
N ILE E 86 1.99 -12.27 35.30
CA ILE E 86 0.78 -13.04 35.44
C ILE E 86 1.18 -14.44 35.82
N ILE E 87 0.40 -14.99 36.71
CA ILE E 87 0.56 -16.34 37.13
C ILE E 87 -0.49 -17.14 36.38
N VAL E 88 -0.07 -18.24 35.80
CA VAL E 88 -0.95 -19.07 35.03
C VAL E 88 -0.67 -20.52 35.38
N LYS E 89 -1.67 -21.37 35.11
CA LYS E 89 -1.51 -22.81 35.21
C LYS E 89 -0.73 -23.38 34.04
N ASP E 90 -0.77 -22.74 32.90
CA ASP E 90 -0.02 -23.33 31.80
C ASP E 90 0.23 -22.24 30.79
N ILE E 91 1.25 -22.45 29.96
CA ILE E 91 1.53 -21.46 28.95
C ILE E 91 0.51 -21.50 27.85
N GLU E 92 -0.22 -22.60 27.71
CA GLU E 92 -1.32 -22.63 26.74
C GLU E 92 -2.29 -21.49 26.98
N SER E 93 -2.60 -21.17 28.25
CA SER E 93 -3.41 -20.00 28.54
C SER E 93 -2.82 -18.75 27.89
N ILE E 94 -1.52 -18.53 28.06
CA ILE E 94 -0.89 -17.34 27.47
C ILE E 94 -0.96 -17.42 25.94
N GLN E 95 -0.61 -18.57 25.37
CA GLN E 95 -0.52 -18.67 23.91
C GLN E 95 -1.87 -18.44 23.27
N THR E 96 -2.96 -18.99 23.84
CA THR E 96 -4.25 -18.75 23.21
C THR E 96 -4.64 -17.27 23.32
N MET E 97 -4.40 -16.65 24.49
CA MET E 97 -4.75 -15.23 24.65
C MET E 97 -4.03 -14.37 23.62
N GLN E 98 -2.74 -14.65 23.42
CA GLN E 98 -1.98 -13.90 22.39
C GLN E 98 -2.70 -13.98 21.03
N LYS E 99 -3.27 -15.11 20.69
CA LYS E 99 -4.00 -15.27 19.44
C LYS E 99 -5.41 -14.67 19.48
N ASP E 100 -5.95 -14.29 20.65
CA ASP E 100 -7.23 -13.60 20.72
C ASP E 100 -7.22 -12.33 19.85
N GLU E 101 -8.31 -12.13 19.12
CA GLU E 101 -8.34 -11.11 18.08
C GLU E 101 -8.54 -9.73 18.69
N GLU E 102 -9.64 -9.54 19.45
CA GLU E 102 -9.82 -8.33 20.25
C GLU E 102 -8.60 -8.00 21.12
N PHE E 103 -7.98 -9.01 21.74
CA PHE E 103 -6.77 -8.77 22.52
C PHE E 103 -5.72 -8.04 21.70
N LEU E 104 -5.57 -8.45 20.44
CA LEU E 104 -4.64 -7.86 19.50
C LEU E 104 -5.11 -6.50 18.97
N ARG E 105 -6.43 -6.33 18.81
CA ARG E 105 -6.92 -5.07 18.27
C ARG E 105 -6.83 -3.97 19.31
N THR E 106 -7.27 -4.27 20.52
CA THR E 106 -7.45 -3.22 21.49
C THR E 106 -6.31 -3.17 22.48
N THR E 107 -5.75 -4.32 22.85
CA THR E 107 -4.91 -4.29 24.03
C THR E 107 -3.43 -4.39 23.72
N ILE E 108 -3.02 -5.32 22.87
CA ILE E 108 -1.60 -5.43 22.60
C ILE E 108 -1.03 -4.08 22.19
N PRO E 109 -1.67 -3.31 21.28
CA PRO E 109 -1.05 -2.03 20.86
C PRO E 109 -0.96 -0.98 21.99
N ASP E 110 -1.72 -1.13 23.08
CA ASP E 110 -1.66 -0.14 24.15
C ASP E 110 -0.27 -0.03 24.71
N HIS E 111 0.48 -1.13 24.73
CA HIS E 111 1.86 -1.12 25.20
C HIS E 111 2.71 -0.15 24.42
N PHE E 112 2.22 0.29 23.27
CA PHE E 112 2.91 1.31 22.51
C PHE E 112 2.83 2.67 23.18
N ASN E 113 1.99 2.81 24.20
CA ASN E 113 1.90 4.10 24.93
C ASN E 113 2.79 4.13 26.19
N PHE E 114 3.72 3.19 26.37
CA PHE E 114 4.50 3.19 27.65
C PHE E 114 5.73 2.29 27.64
N ALA E 115 5.72 1.19 26.89
CA ALA E 115 6.81 0.20 26.98
C ALA E 115 7.80 0.25 25.81
N ASP E 116 9.03 0.67 26.08
CA ASP E 116 10.10 0.64 25.06
C ASP E 116 10.65 -0.79 24.98
N MET E 117 10.07 -1.60 24.08
CA MET E 117 10.34 -3.02 24.13
C MET E 117 11.75 -3.37 23.71
N THR E 118 12.49 -2.40 23.19
CA THR E 118 13.87 -2.68 22.83
C THR E 118 14.79 -2.69 24.04
N ARG E 119 14.27 -2.37 25.21
CA ARG E 119 14.99 -2.34 26.47
C ARG E 119 14.21 -3.09 27.51
N SER E 120 13.41 -4.05 27.05
CA SER E 120 12.58 -4.85 27.92
C SER E 120 12.98 -6.30 27.80
N LYS E 121 12.55 -7.08 28.77
CA LYS E 121 12.97 -8.45 28.92
C LYS E 121 11.77 -9.20 29.44
N GLY E 122 11.87 -10.51 29.34
CA GLY E 122 10.80 -11.38 29.72
C GLY E 122 11.43 -12.55 30.44
N SER E 123 10.59 -13.22 31.23
CA SER E 123 10.96 -14.38 32.00
C SER E 123 9.73 -15.26 32.19
N LEU E 124 9.91 -16.57 32.07
CA LEU E 124 8.87 -17.56 32.30
C LEU E 124 9.44 -18.50 33.34
N THR E 125 8.94 -18.41 34.57
CA THR E 125 9.40 -19.28 35.63
C THR E 125 8.23 -20.12 36.14
N TRP E 126 8.57 -21.15 36.89
CA TRP E 126 7.59 -21.79 37.74
C TRP E 126 7.87 -21.37 39.18
N ILE E 127 6.81 -21.34 40.01
CA ILE E 127 6.87 -20.67 41.32
C ILE E 127 6.48 -21.63 42.43
N GLU E 128 7.17 -21.50 43.57
CA GLU E 128 6.62 -21.91 44.87
C GLU E 128 6.15 -20.67 45.61
N GLU E 129 4.95 -20.72 46.13
CA GLU E 129 4.34 -19.58 46.77
C GLU E 129 3.90 -19.91 48.20
N PHE E 130 4.17 -19.00 49.12
CA PHE E 130 3.75 -19.17 50.52
C PHE E 130 3.06 -17.89 50.97
N THR E 131 1.78 -18.00 51.37
CA THR E 131 1.01 -16.88 51.91
C THR E 131 0.88 -17.07 53.41
N PHE E 132 0.97 -15.97 54.16
CA PHE E 132 0.97 -15.98 55.65
C PHE E 132 -0.24 -15.20 56.17
N ASN F 8 18.11 -27.52 3.24
CA ASN F 8 17.33 -28.67 3.67
C ASN F 8 16.01 -28.73 2.89
N ARG F 9 14.89 -28.77 3.57
CA ARG F 9 13.59 -28.66 2.91
C ARG F 9 13.06 -27.24 3.12
N LEU F 10 12.50 -26.68 2.06
CA LEU F 10 11.82 -25.39 2.16
C LEU F 10 10.44 -25.57 2.80
N LEU F 11 9.96 -24.51 3.49
CA LEU F 11 8.67 -24.55 4.16
C LEU F 11 7.74 -23.54 3.53
N CYS F 12 6.46 -23.81 3.67
CA CYS F 12 5.45 -22.87 3.20
C CYS F 12 4.46 -22.62 4.33
N TRP F 13 4.30 -21.36 4.66
CA TRP F 13 3.31 -20.90 5.60
C TRP F 13 2.16 -20.37 4.76
N SER F 14 1.00 -21.03 4.85
CA SER F 14 -0.18 -20.71 4.08
C SER F 14 -1.31 -20.34 5.03
N ILE F 15 -1.92 -19.17 4.84
CA ILE F 15 -3.09 -18.76 5.62
C ILE F 15 -4.27 -18.54 4.70
N TYR F 16 -5.35 -19.26 4.95
CA TYR F 16 -6.54 -19.29 4.13
C TYR F 16 -7.58 -18.36 4.74
N VAL F 17 -7.96 -17.32 3.98
CA VAL F 17 -8.63 -16.13 4.54
C VAL F 17 -10.06 -16.05 4.05
N THR F 18 -11.01 -15.99 4.99
CA THR F 18 -12.35 -15.50 4.66
C THR F 18 -12.32 -14.00 4.84
N LYS F 19 -12.86 -13.26 3.85
CA LYS F 19 -12.88 -11.81 4.00
C LYS F 19 -13.79 -11.37 5.15
N LYS F 20 -13.59 -10.11 5.63
CA LYS F 20 -14.42 -9.55 6.70
C LYS F 20 -15.88 -9.69 6.35
N PRO F 21 -16.74 -9.86 7.36
CA PRO F 21 -18.17 -10.19 7.07
C PRO F 21 -18.86 -9.14 6.23
N ASP F 22 -18.73 -7.88 6.60
CA ASP F 22 -19.51 -6.86 5.92
C ASP F 22 -18.72 -6.16 4.80
N GLN F 23 -17.74 -6.84 4.22
CA GLN F 23 -16.78 -6.19 3.34
C GLN F 23 -17.09 -6.64 1.92
N SER F 24 -17.13 -5.70 0.99
CA SER F 24 -17.33 -6.12 -0.39
C SER F 24 -16.09 -6.82 -0.95
N GLU F 25 -16.33 -7.71 -1.91
CA GLU F 25 -15.25 -8.44 -2.55
C GLU F 25 -14.23 -7.48 -3.14
N GLU F 26 -14.71 -6.36 -3.66
CA GLU F 26 -13.81 -5.34 -4.22
C GLU F 26 -12.93 -4.71 -3.14
N ASP F 27 -13.55 -4.32 -2.03
CA ASP F 27 -12.74 -3.74 -0.97
C ASP F 27 -11.71 -4.78 -0.49
N HIS F 28 -12.15 -6.02 -0.34
CA HIS F 28 -11.23 -7.02 0.17
C HIS F 28 -10.02 -7.14 -0.71
N HIS F 29 -10.26 -7.36 -2.02
CA HIS F 29 -9.14 -7.72 -2.89
C HIS F 29 -8.30 -6.51 -3.15
N ASN F 30 -8.93 -5.32 -3.22
CA ASN F 30 -8.19 -4.10 -3.44
C ASN F 30 -7.25 -3.80 -2.29
N HIS F 31 -7.76 -3.97 -1.06
CA HIS F 31 -6.93 -3.79 0.13
C HIS F 31 -5.75 -4.75 0.15
N VAL F 32 -6.04 -6.07 0.11
CA VAL F 32 -4.96 -7.05 0.11
C VAL F 32 -3.85 -6.65 -0.86
N SER F 33 -4.23 -6.23 -2.09
CA SER F 33 -3.25 -6.03 -3.17
C SER F 33 -2.57 -4.68 -3.14
N LYS F 34 -3.35 -3.64 -2.91
CA LYS F 34 -2.88 -2.28 -3.03
C LYS F 34 -2.49 -1.60 -1.72
N VAL F 35 -3.03 -2.02 -0.56
CA VAL F 35 -2.68 -1.41 0.74
C VAL F 35 -1.83 -2.33 1.60
N ASN F 36 -2.24 -3.58 1.74
CA ASN F 36 -1.52 -4.51 2.58
C ASN F 36 -0.16 -4.92 2.01
N ALA F 37 -0.07 -5.26 0.71
CA ALA F 37 1.17 -5.79 0.15
C ALA F 37 2.35 -4.81 0.22
N PRO F 38 2.22 -3.53 -0.15
CA PRO F 38 3.39 -2.66 -0.04
C PRO F 38 3.84 -2.52 1.40
N MET F 39 2.95 -2.75 2.34
CA MET F 39 3.22 -2.51 3.74
C MET F 39 3.96 -3.71 4.26
N PBF F 40 3.52 -4.87 3.79
C PBF F 40 5.26 -6.64 3.72
O PBF F 40 6.07 -7.27 4.42
CA PBF F 40 3.93 -6.19 4.32
CB PBF F 40 2.86 -7.21 3.99
CG PBF F 40 2.93 -8.55 4.66
CD1 PBF F 40 2.11 -9.57 4.22
CD2 PBF F 40 3.77 -8.79 5.73
CE1 PBF F 40 2.12 -10.81 4.82
CE2 PBF F 40 3.76 -10.01 6.37
CZ PBF F 40 2.93 -11.03 5.92
CN1 PBF F 40 2.92 -12.34 6.63
ON2 PBF F 40 3.29 -12.35 7.79
CT PBF F 40 2.43 -13.61 6.02
CI1 PBF F 40 2.12 -14.68 6.86
CI2 PBF F 40 2.38 -13.78 4.64
CK1 PBF F 40 1.69 -15.88 6.31
CK2 PBF F 40 1.97 -14.99 4.10
CL PBF F 40 1.63 -16.03 4.94
N ILE F 41 5.47 -6.34 2.44
CA ILE F 41 6.56 -6.92 1.69
C ILE F 41 7.92 -6.55 2.30
N PRO F 42 8.12 -5.29 2.69
CA PRO F 42 9.44 -4.94 3.25
C PRO F 42 9.79 -5.81 4.42
N PHE F 43 8.77 -6.25 5.18
CA PHE F 43 9.05 -7.02 6.39
C PHE F 43 9.44 -8.44 6.05
N LEU F 44 8.83 -8.96 4.96
CA LEU F 44 9.16 -10.27 4.40
C LEU F 44 10.57 -10.25 3.83
N LYS F 45 10.92 -9.14 3.19
CA LYS F 45 12.30 -8.95 2.72
C LYS F 45 13.24 -8.94 3.95
N LYS F 46 12.94 -8.07 4.92
CA LYS F 46 13.79 -8.00 6.08
C LYS F 46 14.04 -9.34 6.73
N TYR F 47 13.02 -10.21 6.80
CA TYR F 47 13.19 -11.46 7.60
C TYR F 47 13.59 -12.70 6.78
N GLY F 48 13.88 -12.57 5.49
CA GLY F 48 14.43 -13.71 4.72
C GLY F 48 13.40 -14.57 4.05
N ILE F 49 12.20 -14.08 3.86
CA ILE F 49 11.19 -14.86 3.10
C ILE F 49 11.70 -15.04 1.66
N VAL F 50 11.63 -16.25 1.14
CA VAL F 50 12.06 -16.53 -0.26
C VAL F 50 11.00 -15.99 -1.21
N ARG F 51 9.72 -16.26 -0.90
CA ARG F 51 8.66 -15.84 -1.85
C ARG F 51 7.34 -15.56 -1.14
N TYR F 52 6.62 -14.54 -1.60
CA TYR F 52 5.30 -14.21 -1.05
C TYR F 52 4.29 -14.32 -2.17
N THR F 53 3.27 -15.13 -1.96
CA THR F 53 2.22 -15.29 -2.97
C THR F 53 0.85 -15.03 -2.40
N VAL F 54 0.08 -14.18 -3.06
CA VAL F 54 -1.33 -13.94 -2.67
C VAL F 54 -2.18 -14.62 -3.74
N LYS F 55 -2.98 -15.59 -3.33
CA LYS F 55 -3.89 -16.23 -4.29
C LYS F 55 -5.26 -15.58 -4.10
N HIS F 56 -5.89 -15.23 -5.20
CA HIS F 56 -7.21 -14.57 -5.17
C HIS F 56 -8.30 -15.48 -5.73
N ASN F 57 -9.34 -15.72 -4.95
CA ASN F 57 -10.55 -16.43 -5.44
C ASN F 57 -11.62 -15.36 -5.62
N ASP F 58 -11.76 -14.85 -6.83
CA ASP F 58 -12.68 -13.71 -7.07
C ASP F 58 -13.33 -13.79 -8.45
N ALA F 59 -13.85 -12.68 -8.95
CA ALA F 59 -14.58 -12.62 -10.24
C ALA F 59 -13.72 -13.03 -11.43
N TYR F 60 -12.43 -12.71 -11.40
CA TYR F 60 -11.52 -13.07 -12.50
C TYR F 60 -11.28 -14.58 -12.52
N SER F 61 -11.24 -15.22 -11.36
CA SER F 61 -10.84 -16.64 -11.26
C SER F 61 -12.04 -17.59 -11.25
N LYS F 62 -13.18 -17.14 -10.74
CA LYS F 62 -14.33 -18.06 -10.50
C LYS F 62 -14.89 -18.70 -11.79
N PRO F 63 -15.07 -17.98 -12.92
CA PRO F 63 -15.54 -18.64 -14.13
C PRO F 63 -14.60 -19.76 -14.59
N LYS F 64 -13.29 -19.56 -14.48
CA LYS F 64 -12.29 -20.60 -14.84
C LYS F 64 -12.37 -21.77 -13.87
N GLN F 65 -12.50 -21.48 -12.58
CA GLN F 65 -12.68 -22.54 -11.57
C GLN F 65 -13.95 -23.32 -11.87
N ALA F 66 -15.03 -22.61 -12.21
CA ALA F 66 -16.31 -23.25 -12.58
C ALA F 66 -16.08 -24.21 -13.74
N ALA F 67 -15.25 -23.80 -14.69
CA ALA F 67 -15.01 -24.64 -15.88
C ALA F 67 -14.21 -25.88 -15.49
N LEU F 68 -13.21 -25.73 -14.62
CA LEU F 68 -12.33 -26.87 -14.24
C LEU F 68 -13.03 -27.81 -13.26
N MET F 69 -13.88 -27.27 -12.40
CA MET F 69 -14.50 -28.06 -11.32
C MET F 69 -15.94 -28.41 -11.71
N ALA F 70 -16.24 -28.25 -12.99
CA ALA F 70 -17.60 -28.57 -13.47
C ALA F 70 -17.92 -30.04 -13.20
N GLY F 71 -19.16 -30.31 -12.81
CA GLY F 71 -19.59 -31.69 -12.52
C GLY F 71 -19.21 -32.09 -11.12
N GLN F 72 -18.60 -31.18 -10.37
CA GLN F 72 -18.24 -31.46 -8.96
C GLN F 72 -19.13 -30.58 -8.08
N PRO F 73 -19.44 -31.01 -6.84
CA PRO F 73 -20.22 -30.19 -5.94
C PRO F 73 -19.47 -28.97 -5.43
N GLU F 74 -20.21 -27.93 -5.04
CA GLU F 74 -19.62 -26.66 -4.54
C GLU F 74 -18.77 -26.95 -3.30
N GLU F 75 -19.17 -27.94 -2.52
CA GLU F 75 -18.43 -28.33 -1.31
C GLU F 75 -17.00 -28.72 -1.68
N ASN F 76 -16.75 -29.13 -2.91
CA ASN F 76 -15.40 -29.62 -3.29
C ASN F 76 -14.51 -28.45 -3.69
N VAL F 77 -15.05 -27.25 -3.66
CA VAL F 77 -14.27 -26.04 -3.99
C VAL F 77 -13.86 -25.31 -2.70
N LEU F 78 -12.60 -24.95 -2.57
CA LEU F 78 -12.14 -24.14 -1.41
C LEU F 78 -12.80 -22.77 -1.56
N ALA F 79 -13.46 -22.26 -0.52
CA ALA F 79 -14.26 -21.03 -0.70
C ALA F 79 -13.55 -19.78 -0.18
N TYR F 80 -12.38 -19.93 0.41
CA TYR F 80 -11.58 -18.77 0.88
C TYR F 80 -11.47 -17.69 -0.20
N ASP F 81 -11.56 -16.43 0.22
CA ASP F 81 -11.46 -15.27 -0.69
C ASP F 81 -10.01 -15.06 -1.13
N THR F 82 -9.08 -15.17 -0.19
CA THR F 82 -7.65 -14.98 -0.48
C THR F 82 -6.83 -16.01 0.27
N VAL F 83 -5.67 -16.34 -0.27
CA VAL F 83 -4.75 -17.26 0.43
C VAL F 83 -3.37 -16.58 0.46
N PHE F 84 -2.79 -16.46 1.64
CA PHE F 84 -1.48 -15.78 1.80
C PHE F 84 -0.46 -16.86 2.03
N GLU F 85 0.64 -16.80 1.30
CA GLU F 85 1.65 -17.88 1.38
C GLU F 85 3.07 -17.31 1.37
N ILE F 86 3.90 -17.83 2.25
CA ILE F 86 5.32 -17.38 2.30
C ILE F 86 6.21 -18.60 2.25
N ILE F 87 7.21 -18.56 1.37
CA ILE F 87 8.22 -19.65 1.37
C ILE F 87 9.33 -19.19 2.30
N VAL F 88 9.75 -20.05 3.22
CA VAL F 88 10.81 -19.71 4.21
C VAL F 88 11.67 -20.96 4.40
N LYS F 89 12.91 -20.76 4.84
CA LYS F 89 13.85 -21.90 5.08
C LYS F 89 13.64 -22.44 6.50
N ASP F 90 12.98 -21.68 7.35
CA ASP F 90 12.78 -22.07 8.77
C ASP F 90 11.66 -21.19 9.37
N ILE F 91 11.00 -21.69 10.41
CA ILE F 91 9.88 -20.93 11.06
C ILE F 91 10.46 -19.83 11.96
N GLU F 92 11.75 -19.89 12.27
CA GLU F 92 12.44 -18.86 13.09
C GLU F 92 12.39 -17.52 12.34
N SER F 93 12.53 -17.58 11.02
CA SER F 93 12.41 -16.36 10.19
C SER F 93 11.04 -15.72 10.49
N ILE F 94 9.99 -16.52 10.46
CA ILE F 94 8.63 -16.01 10.73
C ILE F 94 8.51 -15.55 12.19
N GLN F 95 8.96 -16.36 13.14
CA GLN F 95 8.80 -16.04 14.58
C GLN F 95 9.55 -14.75 14.96
N THR F 96 10.72 -14.52 14.37
CA THR F 96 11.49 -13.29 14.63
C THR F 96 10.72 -12.11 14.06
N MET F 97 10.23 -12.23 12.84
CA MET F 97 9.39 -11.16 12.21
C MET F 97 8.16 -10.90 13.07
N GLN F 98 7.54 -11.97 13.57
CA GLN F 98 6.28 -11.81 14.38
C GLN F 98 6.58 -10.97 15.62
N LYS F 99 7.82 -11.01 16.11
CA LYS F 99 8.21 -10.25 17.33
C LYS F 99 8.72 -8.86 16.95
N ASP F 100 8.87 -8.56 15.67
CA ASP F 100 9.29 -7.20 15.23
C ASP F 100 8.22 -6.22 15.74
N GLU F 101 8.61 -5.35 16.67
CA GLU F 101 7.64 -4.38 17.18
C GLU F 101 6.98 -3.60 16.04
N GLU F 102 7.77 -3.03 15.15
CA GLU F 102 7.23 -2.32 14.00
C GLU F 102 6.19 -3.16 13.24
N PHE F 103 6.50 -4.44 13.07
CA PHE F 103 5.64 -5.31 12.28
C PHE F 103 4.32 -5.49 12.99
N LEU F 104 4.40 -5.58 14.32
CA LEU F 104 3.23 -5.58 15.20
C LEU F 104 2.48 -4.25 15.12
N ARG F 105 3.19 -3.14 15.20
CA ARG F 105 2.52 -1.85 15.21
C ARG F 105 1.89 -1.53 13.84
N THR F 106 2.60 -1.75 12.73
CA THR F 106 2.01 -1.31 11.45
C THR F 106 1.17 -2.37 10.75
N THR F 107 1.64 -3.60 10.69
CA THR F 107 1.05 -4.42 9.65
C THR F 107 0.18 -5.53 10.18
N ILE F 108 0.45 -5.98 11.40
CA ILE F 108 -0.40 -7.00 12.02
C ILE F 108 -1.84 -6.51 12.18
N PRO F 109 -2.13 -5.37 12.83
CA PRO F 109 -3.52 -4.92 12.87
C PRO F 109 -4.13 -4.57 11.50
N ASP F 110 -3.36 -4.45 10.43
CA ASP F 110 -3.99 -4.22 9.12
C ASP F 110 -4.97 -5.35 8.77
N HIS F 111 -4.70 -6.57 9.20
CA HIS F 111 -5.56 -7.65 8.79
C HIS F 111 -6.98 -7.47 9.31
N PHE F 112 -7.20 -6.57 10.30
CA PHE F 112 -8.57 -6.21 10.68
C PHE F 112 -9.30 -5.50 9.56
N ASN F 113 -8.60 -5.07 8.55
CA ASN F 113 -9.25 -4.45 7.41
C ASN F 113 -9.66 -5.45 6.34
N PHE F 114 -9.43 -6.75 6.54
CA PHE F 114 -9.73 -7.62 5.41
C PHE F 114 -9.90 -9.09 5.71
N ALA F 115 -9.50 -9.51 6.91
CA ALA F 115 -9.52 -10.92 7.28
C ALA F 115 -10.51 -11.11 8.40
N ASP F 116 -11.45 -12.04 8.22
CA ASP F 116 -12.16 -12.64 9.35
C ASP F 116 -11.32 -13.81 9.85
N MET F 117 -10.57 -13.57 10.92
CA MET F 117 -9.65 -14.61 11.36
C MET F 117 -10.40 -15.74 12.04
N THR F 118 -11.62 -15.51 12.51
CA THR F 118 -12.38 -16.61 13.07
C THR F 118 -12.80 -17.61 12.01
N ARG F 119 -12.99 -17.17 10.78
CA ARG F 119 -13.26 -18.10 9.69
C ARG F 119 -12.03 -18.35 8.84
N SER F 120 -10.83 -18.22 9.42
CA SER F 120 -9.59 -18.41 8.67
C SER F 120 -8.84 -19.65 9.15
N LYS F 121 -7.93 -20.15 8.30
CA LYS F 121 -7.15 -21.33 8.60
C LYS F 121 -5.68 -21.12 8.18
N GLY F 122 -4.82 -21.95 8.77
CA GLY F 122 -3.39 -21.84 8.54
C GLY F 122 -2.78 -23.21 8.32
N SER F 123 -1.67 -23.23 7.60
CA SER F 123 -1.01 -24.48 7.27
C SER F 123 0.46 -24.24 7.07
N LEU F 124 1.26 -25.10 7.68
CA LEU F 124 2.71 -25.10 7.58
C LEU F 124 3.07 -26.45 6.97
N THR F 125 3.78 -26.40 5.85
CA THR F 125 4.12 -27.57 5.09
C THR F 125 5.56 -27.41 4.63
N TRP F 126 6.18 -28.53 4.31
CA TRP F 126 7.43 -28.53 3.58
C TRP F 126 7.05 -28.85 2.13
N ILE F 127 7.79 -28.26 1.18
CA ILE F 127 7.40 -28.21 -0.23
C ILE F 127 8.49 -28.80 -1.10
N GLU F 128 8.05 -29.47 -2.16
CA GLU F 128 8.81 -29.82 -3.33
C GLU F 128 8.36 -28.92 -4.47
N GLU F 129 9.30 -28.28 -5.14
CA GLU F 129 8.98 -27.31 -6.14
C GLU F 129 9.73 -27.67 -7.41
N PHE F 130 9.04 -27.66 -8.54
CA PHE F 130 9.68 -27.83 -9.85
C PHE F 130 9.24 -26.64 -10.68
N THR F 131 10.18 -25.77 -11.04
CA THR F 131 9.93 -24.60 -11.85
C THR F 131 10.39 -24.86 -13.28
N PHE F 132 9.45 -24.81 -14.22
CA PHE F 132 9.69 -25.16 -15.60
C PHE F 132 9.90 -23.88 -16.43
N ARG G 9 -2.09 -12.04 -15.72
CA ARG G 9 -2.41 -12.77 -14.50
C ARG G 9 -2.22 -14.25 -14.66
N LEU G 10 -1.35 -14.79 -13.84
CA LEU G 10 -1.16 -16.23 -13.72
C LEU G 10 -2.17 -16.84 -12.75
N LEU G 11 -2.44 -18.10 -12.99
CA LEU G 11 -3.43 -18.87 -12.27
C LEU G 11 -2.75 -19.96 -11.49
N CYS G 12 -3.32 -20.28 -10.33
CA CYS G 12 -2.88 -21.41 -9.54
C CYS G 12 -4.01 -22.42 -9.45
N TRP G 13 -3.70 -23.63 -9.90
CA TRP G 13 -4.60 -24.78 -9.78
C TRP G 13 -4.09 -25.61 -8.61
N SER G 14 -4.74 -25.51 -7.47
CA SER G 14 -4.40 -26.22 -6.23
C SER G 14 -5.44 -27.28 -5.93
N ILE G 15 -4.98 -28.49 -5.63
CA ILE G 15 -5.81 -29.61 -5.21
C ILE G 15 -5.37 -30.04 -3.80
N TYR G 16 -6.34 -30.16 -2.90
CA TYR G 16 -6.09 -30.34 -1.48
C TYR G 16 -6.43 -31.78 -1.18
N VAL G 17 -5.40 -32.61 -0.99
CA VAL G 17 -5.57 -34.06 -0.96
C VAL G 17 -5.56 -34.59 0.47
N THR G 18 -6.62 -35.33 0.79
CA THR G 18 -6.60 -36.30 1.87
C THR G 18 -6.06 -37.63 1.37
N LYS G 19 -5.21 -38.24 2.19
CA LYS G 19 -4.61 -39.55 1.86
C LYS G 19 -5.66 -40.68 1.92
N LYS G 20 -5.38 -41.77 1.20
CA LYS G 20 -6.30 -42.94 1.22
C LYS G 20 -6.49 -43.42 2.66
N PRO G 21 -7.68 -43.90 3.01
CA PRO G 21 -7.96 -44.30 4.39
C PRO G 21 -7.03 -45.41 4.86
N ASP G 22 -6.84 -46.42 4.02
CA ASP G 22 -6.00 -47.58 4.41
C ASP G 22 -4.52 -47.28 4.16
N GLN G 23 -4.15 -46.00 4.13
CA GLN G 23 -2.76 -45.67 3.75
C GLN G 23 -2.04 -44.89 4.84
N SER G 24 -0.78 -45.26 5.05
CA SER G 24 0.05 -44.53 6.00
C SER G 24 0.63 -43.29 5.32
N GLU G 25 0.79 -42.23 6.14
CA GLU G 25 1.46 -41.03 5.69
C GLU G 25 2.80 -41.35 5.05
N GLU G 26 3.52 -42.31 5.63
CA GLU G 26 4.79 -42.69 5.04
C GLU G 26 4.60 -43.17 3.60
N ASP G 27 3.65 -44.07 3.38
CA ASP G 27 3.40 -44.58 2.02
C ASP G 27 2.91 -43.46 1.12
N HIS G 28 1.98 -42.66 1.63
CA HIS G 28 1.38 -41.58 0.89
C HIS G 28 2.44 -40.65 0.32
N HIS G 29 3.22 -40.05 1.20
CA HIS G 29 4.14 -39.02 0.75
C HIS G 29 5.24 -39.62 -0.12
N ASN G 30 5.58 -40.88 0.13
CA ASN G 30 6.65 -41.51 -0.62
C ASN G 30 6.18 -41.81 -2.03
N HIS G 31 4.98 -42.34 -2.16
CA HIS G 31 4.40 -42.53 -3.47
C HIS G 31 4.31 -41.20 -4.19
N VAL G 32 3.83 -40.17 -3.49
CA VAL G 32 3.66 -38.87 -4.13
C VAL G 32 5.01 -38.36 -4.61
N SER G 33 6.02 -38.40 -3.75
CA SER G 33 7.31 -37.81 -4.10
C SER G 33 8.14 -38.68 -5.03
N LYS G 34 8.14 -39.99 -4.83
CA LYS G 34 9.06 -40.86 -5.57
C LYS G 34 8.39 -41.60 -6.73
N VAL G 35 7.11 -41.91 -6.61
CA VAL G 35 6.38 -42.63 -7.65
C VAL G 35 5.66 -41.65 -8.56
N ASN G 36 4.77 -40.83 -7.99
CA ASN G 36 3.93 -39.97 -8.82
C ASN G 36 4.76 -38.85 -9.47
N ALA G 37 5.59 -38.15 -8.71
CA ALA G 37 6.28 -36.99 -9.26
C ALA G 37 6.93 -37.22 -10.63
N PRO G 38 7.64 -38.34 -10.86
CA PRO G 38 8.38 -38.50 -12.14
C PRO G 38 7.50 -38.81 -13.36
N MET G 39 6.33 -39.42 -13.16
CA MET G 39 5.32 -39.61 -14.21
C MET G 39 4.54 -38.36 -14.59
N PBF G 40 4.34 -37.45 -13.60
C PBF G 40 4.33 -35.10 -14.45
O PBF G 40 3.77 -34.45 -15.36
CA PBF G 40 3.54 -36.20 -13.75
CB PBF G 40 3.12 -35.68 -12.38
CG PBF G 40 1.88 -34.82 -12.38
CD1 PBF G 40 1.41 -34.26 -11.19
CD2 PBF G 40 1.18 -34.57 -13.56
CE1 PBF G 40 0.29 -33.47 -11.19
CE2 PBF G 40 0.04 -33.78 -13.56
CZ PBF G 40 -0.43 -33.25 -12.36
CN1 PBF G 40 -1.68 -32.44 -12.39
ON2 PBF G 40 -2.50 -32.72 -13.25
CT PBF G 40 -2.00 -31.39 -11.38
CI1 PBF G 40 -1.01 -30.70 -10.69
CI2 PBF G 40 -3.35 -31.16 -11.07
CK1 PBF G 40 -1.35 -29.74 -9.75
CK2 PBF G 40 -3.67 -30.19 -10.14
CL PBF G 40 -2.67 -29.50 -9.47
N ILE G 41 5.57 -34.89 -14.06
CA ILE G 41 6.37 -33.77 -14.58
C ILE G 41 6.57 -33.69 -16.10
N PRO G 42 6.83 -34.83 -16.78
CA PRO G 42 6.90 -34.76 -18.27
C PRO G 42 5.69 -34.08 -18.87
N PHE G 43 4.49 -34.45 -18.42
CA PHE G 43 3.30 -33.82 -18.94
C PHE G 43 3.18 -32.34 -18.56
N LEU G 44 3.54 -31.97 -17.33
CA LEU G 44 3.47 -30.55 -16.96
C LEU G 44 4.44 -29.72 -17.78
N LYS G 45 5.61 -30.28 -18.07
CA LYS G 45 6.50 -29.63 -19.02
C LYS G 45 5.85 -29.58 -20.39
N LYS G 46 5.36 -30.72 -20.86
CA LYS G 46 4.78 -30.77 -22.18
C LYS G 46 3.70 -29.70 -22.32
N TYR G 47 2.89 -29.48 -21.30
CA TYR G 47 1.78 -28.59 -21.56
C TYR G 47 2.05 -27.18 -21.07
N GLY G 48 3.33 -26.85 -20.85
CA GLY G 48 3.65 -25.46 -20.58
C GLY G 48 3.33 -24.96 -19.17
N ILE G 49 3.22 -25.85 -18.18
CA ILE G 49 2.91 -25.44 -16.81
C ILE G 49 4.11 -24.69 -16.24
N VAL G 50 3.86 -23.50 -15.67
CA VAL G 50 4.96 -22.67 -15.21
C VAL G 50 5.68 -23.31 -14.03
N ARG G 51 4.94 -23.83 -13.04
CA ARG G 51 5.65 -24.42 -11.92
C ARG G 51 4.72 -25.40 -11.24
N TYR G 52 5.31 -26.45 -10.67
CA TYR G 52 4.61 -27.50 -9.95
C TYR G 52 5.08 -27.56 -8.52
N THR G 53 4.17 -27.56 -7.56
CA THR G 53 4.54 -27.58 -6.13
C THR G 53 3.70 -28.64 -5.42
N VAL G 54 4.35 -29.44 -4.60
CA VAL G 54 3.68 -30.42 -3.79
C VAL G 54 3.96 -30.02 -2.35
N LYS G 55 2.94 -29.57 -1.65
CA LYS G 55 3.05 -29.23 -0.23
C LYS G 55 2.74 -30.47 0.58
N HIS G 56 3.60 -30.77 1.57
CA HIS G 56 3.41 -31.93 2.42
C HIS G 56 3.17 -31.48 3.86
N ASN G 57 2.06 -31.94 4.45
CA ASN G 57 1.75 -31.76 5.88
C ASN G 57 1.96 -33.13 6.53
N ASP G 58 3.15 -33.38 7.08
CA ASP G 58 3.45 -34.68 7.68
C ASP G 58 4.29 -34.51 8.94
N ALA G 59 4.95 -35.63 9.30
CA ALA G 59 5.75 -35.75 10.51
C ALA G 59 6.84 -34.71 10.57
N TYR G 60 7.46 -34.42 9.43
CA TYR G 60 8.50 -33.42 9.39
C TYR G 60 7.96 -32.00 9.56
N SER G 61 6.78 -31.69 9.02
CA SER G 61 6.29 -30.32 9.11
C SER G 61 5.37 -30.07 10.33
N LYS G 62 4.77 -31.11 10.89
CA LYS G 62 3.71 -30.95 11.89
C LYS G 62 4.19 -30.31 13.20
N PRO G 63 5.45 -30.56 13.68
CA PRO G 63 5.90 -29.86 14.93
C PRO G 63 6.27 -28.42 14.62
N LYS G 64 6.73 -28.13 13.39
CA LYS G 64 6.87 -26.73 13.00
C LYS G 64 5.51 -26.00 12.94
N GLN G 65 4.55 -26.60 12.23
CA GLN G 65 3.16 -26.10 12.26
C GLN G 65 2.66 -25.89 13.69
N ALA G 66 2.84 -26.91 14.54
CA ALA G 66 2.38 -26.82 15.93
C ALA G 66 3.01 -25.63 16.65
N ALA G 67 4.35 -25.50 16.60
CA ALA G 67 5.02 -24.36 17.24
C ALA G 67 4.47 -23.04 16.75
N LEU G 68 4.20 -22.96 15.46
CA LEU G 68 3.78 -21.71 14.85
C LEU G 68 2.31 -21.42 15.11
N MET G 69 1.50 -22.44 15.28
CA MET G 69 0.08 -22.27 15.54
C MET G 69 -0.30 -22.52 16.99
N ALA G 70 0.66 -22.52 17.91
CA ALA G 70 0.38 -22.68 19.35
C ALA G 70 -0.71 -21.72 19.83
N GLY G 71 -1.69 -22.26 20.57
CA GLY G 71 -2.80 -21.46 21.09
C GLY G 71 -3.97 -21.37 20.14
N GLN G 72 -3.79 -21.85 18.91
CA GLN G 72 -4.94 -21.84 17.98
C GLN G 72 -5.70 -23.15 18.07
N PRO G 73 -7.03 -23.13 17.86
CA PRO G 73 -7.80 -24.38 17.82
C PRO G 73 -7.33 -25.25 16.67
N GLU G 74 -7.35 -26.56 16.91
CA GLU G 74 -6.97 -27.52 15.89
C GLU G 74 -7.78 -27.29 14.62
N GLU G 75 -9.01 -26.75 14.75
CA GLU G 75 -9.85 -26.47 13.58
C GLU G 75 -9.21 -25.46 12.64
N ASN G 76 -8.47 -24.50 13.17
CA ASN G 76 -7.86 -23.44 12.38
C ASN G 76 -6.73 -23.94 11.47
N VAL G 77 -6.45 -25.23 11.49
CA VAL G 77 -5.35 -25.84 10.76
C VAL G 77 -5.94 -26.61 9.57
N LEU G 78 -5.63 -26.18 8.36
CA LEU G 78 -6.06 -26.98 7.22
C LEU G 78 -5.43 -28.36 7.39
N ALA G 79 -6.25 -29.40 7.26
CA ALA G 79 -5.90 -30.74 7.71
C ALA G 79 -5.68 -31.73 6.55
N TYR G 80 -5.23 -31.25 5.39
CA TYR G 80 -4.93 -32.11 4.25
C TYR G 80 -3.49 -32.59 4.30
N ASP G 81 -3.27 -33.81 3.80
CA ASP G 81 -1.92 -34.37 3.81
C ASP G 81 -1.02 -33.78 2.76
N THR G 82 -1.56 -33.52 1.55
CA THR G 82 -0.74 -32.91 0.53
C THR G 82 -1.57 -31.87 -0.16
N VAL G 83 -0.88 -30.87 -0.68
CA VAL G 83 -1.48 -29.93 -1.60
C VAL G 83 -0.68 -29.99 -2.91
N PHE G 84 -1.39 -30.16 -4.00
CA PHE G 84 -0.83 -30.23 -5.34
C PHE G 84 -1.15 -28.94 -6.05
N GLU G 85 -0.12 -28.23 -6.55
CA GLU G 85 -0.35 -26.91 -7.13
C GLU G 85 0.38 -26.72 -8.45
N ILE G 86 -0.27 -26.10 -9.45
CA ILE G 86 0.44 -25.74 -10.66
C ILE G 86 0.09 -24.31 -11.06
N ILE G 87 1.12 -23.54 -11.38
CA ILE G 87 0.97 -22.20 -11.93
C ILE G 87 0.85 -22.36 -13.45
N VAL G 88 -0.20 -21.75 -14.03
CA VAL G 88 -0.46 -21.80 -15.46
C VAL G 88 -0.82 -20.40 -15.96
N LYS G 89 -0.57 -20.19 -17.25
CA LYS G 89 -0.97 -18.97 -17.93
C LYS G 89 -2.45 -18.92 -18.23
N ASP G 90 -3.11 -20.07 -18.35
CA ASP G 90 -4.53 -20.13 -18.68
C ASP G 90 -5.03 -21.50 -18.30
N ILE G 91 -6.36 -21.67 -18.26
CA ILE G 91 -6.80 -23.02 -17.92
C ILE G 91 -6.81 -23.93 -19.14
N GLU G 92 -6.71 -23.38 -20.35
CA GLU G 92 -6.60 -24.23 -21.54
C GLU G 92 -5.39 -25.16 -21.44
N SER G 93 -4.27 -24.67 -20.92
CA SER G 93 -3.11 -25.54 -20.70
C SER G 93 -3.53 -26.78 -19.95
N ILE G 94 -4.08 -26.57 -18.76
CA ILE G 94 -4.57 -27.68 -17.97
C ILE G 94 -5.55 -28.51 -18.77
N GLN G 95 -6.45 -27.88 -19.54
CA GLN G 95 -7.51 -28.67 -20.16
C GLN G 95 -6.98 -29.52 -21.32
N THR G 96 -5.99 -29.01 -22.05
CA THR G 96 -5.37 -29.81 -23.09
C THR G 96 -4.59 -30.96 -22.48
N MET G 97 -3.81 -30.67 -21.41
CA MET G 97 -3.14 -31.73 -20.68
C MET G 97 -4.09 -32.83 -20.27
N GLN G 98 -5.29 -32.46 -19.77
CA GLN G 98 -6.26 -33.46 -19.26
C GLN G 98 -6.83 -34.34 -20.38
N LYS G 99 -6.87 -33.83 -21.60
CA LYS G 99 -7.35 -34.60 -22.74
C LYS G 99 -6.26 -35.46 -23.36
N ASP G 100 -5.02 -35.33 -22.87
CA ASP G 100 -3.91 -36.11 -23.39
C ASP G 100 -4.10 -37.58 -23.01
N GLU G 101 -4.06 -38.43 -24.04
CA GLU G 101 -4.43 -39.83 -23.90
C GLU G 101 -3.41 -40.62 -23.11
N GLU G 102 -2.12 -40.23 -23.19
CA GLU G 102 -1.07 -40.90 -22.41
C GLU G 102 -1.08 -40.40 -20.95
N PHE G 103 -1.39 -39.10 -20.74
CA PHE G 103 -1.69 -38.59 -19.42
C PHE G 103 -2.78 -39.41 -18.75
N LEU G 104 -3.90 -39.57 -19.46
CA LEU G 104 -5.01 -40.35 -18.91
C LEU G 104 -4.66 -41.83 -18.78
N ARG G 105 -3.81 -42.37 -19.66
CA ARG G 105 -3.53 -43.79 -19.56
C ARG G 105 -2.67 -44.08 -18.34
N THR G 106 -1.58 -43.34 -18.20
CA THR G 106 -0.48 -43.65 -17.31
C THR G 106 -0.53 -42.87 -16.00
N THR G 107 -0.72 -41.55 -16.05
CA THR G 107 -0.56 -40.66 -14.88
C THR G 107 -1.85 -40.43 -14.10
N ILE G 108 -2.93 -39.98 -14.76
CA ILE G 108 -4.18 -39.75 -14.04
C ILE G 108 -4.50 -40.90 -13.10
N PRO G 109 -4.49 -42.17 -13.51
CA PRO G 109 -4.87 -43.23 -12.56
C PRO G 109 -3.82 -43.46 -11.48
N ASP G 110 -2.61 -42.91 -11.61
CA ASP G 110 -1.69 -43.08 -10.51
C ASP G 110 -2.33 -42.59 -9.21
N HIS G 111 -3.22 -41.59 -9.30
CA HIS G 111 -3.81 -40.96 -8.13
C HIS G 111 -4.61 -41.96 -7.31
N PHE G 112 -4.94 -43.14 -7.86
CA PHE G 112 -5.66 -44.09 -7.01
C PHE G 112 -4.72 -44.77 -6.01
N ASN G 113 -3.43 -44.48 -6.07
CA ASN G 113 -2.44 -45.02 -5.16
C ASN G 113 -2.26 -44.17 -3.91
N PHE G 114 -2.87 -42.97 -3.84
CA PHE G 114 -2.51 -42.03 -2.77
C PHE G 114 -3.56 -40.97 -2.45
N ALA G 115 -4.38 -40.58 -3.43
CA ALA G 115 -5.38 -39.53 -3.23
C ALA G 115 -6.76 -40.15 -3.01
N ASP G 116 -7.40 -39.78 -1.91
CA ASP G 116 -8.82 -40.03 -1.69
C ASP G 116 -9.55 -38.74 -2.08
N MET G 117 -10.04 -38.70 -3.32
CA MET G 117 -10.68 -37.53 -3.88
C MET G 117 -12.08 -37.28 -3.32
N THR G 118 -12.72 -38.27 -2.71
CA THR G 118 -13.95 -38.00 -1.99
C THR G 118 -13.73 -37.09 -0.77
N ARG G 119 -12.49 -36.97 -0.28
CA ARG G 119 -12.16 -36.10 0.84
C ARG G 119 -11.12 -35.08 0.40
N SER G 120 -11.16 -34.69 -0.87
CA SER G 120 -10.25 -33.70 -1.38
C SER G 120 -11.03 -32.51 -1.89
N LYS G 121 -10.32 -31.40 -2.08
CA LYS G 121 -10.93 -30.19 -2.58
C LYS G 121 -9.96 -29.53 -3.52
N GLY G 122 -10.49 -28.56 -4.25
CA GLY G 122 -9.76 -27.93 -5.32
C GLY G 122 -10.07 -26.46 -5.29
N SER G 123 -9.09 -25.68 -5.77
CA SER G 123 -9.17 -24.24 -5.85
C SER G 123 -8.40 -23.74 -7.08
N LEU G 124 -8.99 -22.78 -7.76
CA LEU G 124 -8.36 -22.17 -8.92
C LEU G 124 -8.42 -20.67 -8.65
N THR G 125 -7.25 -20.05 -8.56
CA THR G 125 -7.07 -18.68 -8.15
C THR G 125 -6.17 -17.99 -9.15
N TRP G 126 -6.14 -16.69 -9.09
CA TRP G 126 -5.12 -15.93 -9.77
C TRP G 126 -4.23 -15.36 -8.67
N ILE G 127 -2.94 -15.21 -8.96
CA ILE G 127 -1.91 -15.07 -7.95
C ILE G 127 -1.12 -13.82 -8.25
N GLU G 128 -0.62 -13.19 -7.17
CA GLU G 128 0.36 -12.12 -7.22
C GLU G 128 1.56 -12.66 -6.49
N GLU G 129 2.74 -12.50 -7.06
CA GLU G 129 3.86 -13.16 -6.45
C GLU G 129 5.06 -12.24 -6.38
N PHE G 130 5.81 -12.36 -5.30
CA PHE G 130 7.00 -11.52 -5.13
C PHE G 130 8.10 -12.46 -4.65
N THR G 131 9.18 -12.50 -5.40
CA THR G 131 10.35 -13.32 -5.09
C THR G 131 11.44 -12.37 -4.62
N PHE G 132 12.15 -12.74 -3.55
CA PHE G 132 13.12 -11.82 -2.96
C PHE G 132 14.54 -12.36 -3.10
N ARG H 9 -0.51 0.91 49.69
CA ARG H 9 0.45 0.33 48.73
C ARG H 9 1.40 -0.68 49.35
N LEU H 10 1.24 -1.95 48.99
CA LEU H 10 2.15 -3.00 49.39
C LEU H 10 3.45 -2.91 48.60
N LEU H 11 4.52 -3.42 49.20
CA LEU H 11 5.84 -3.43 48.58
C LEU H 11 6.25 -4.87 48.24
N CYS H 12 7.15 -4.98 47.27
CA CYS H 12 7.72 -6.25 46.89
C CYS H 12 9.24 -6.08 46.85
N TRP H 13 9.91 -6.82 47.60
CA TRP H 13 11.38 -6.86 47.53
C TRP H 13 11.72 -8.15 46.78
N SER H 14 12.27 -8.05 45.65
CA SER H 14 12.66 -9.19 44.83
C SER H 14 14.18 -9.21 44.67
N ILE H 15 14.78 -10.38 44.90
CA ILE H 15 16.18 -10.61 44.63
C ILE H 15 16.30 -11.59 43.47
N TYR H 16 17.03 -11.17 42.41
CA TYR H 16 17.26 -11.95 41.20
C TYR H 16 18.62 -12.61 41.38
N VAL H 17 18.62 -13.92 41.55
CA VAL H 17 19.79 -14.65 42.01
C VAL H 17 20.46 -15.42 40.87
N THR H 18 21.77 -15.22 40.78
CA THR H 18 22.57 -16.04 39.88
C THR H 18 23.17 -17.10 40.76
N LYS H 19 23.07 -18.36 40.36
CA LYS H 19 23.54 -19.50 41.17
C LYS H 19 25.05 -19.45 41.43
N LYS H 20 25.49 -20.26 42.40
CA LYS H 20 26.91 -20.34 42.75
C LYS H 20 27.72 -20.73 41.51
N PRO H 21 28.92 -20.14 41.33
CA PRO H 21 29.69 -20.37 40.14
C PRO H 21 29.83 -21.80 39.67
N ASP H 22 30.03 -22.75 40.58
CA ASP H 22 30.26 -24.11 40.16
C ASP H 22 29.14 -25.04 40.62
N GLN H 23 27.99 -24.50 40.98
CA GLN H 23 26.89 -25.30 41.48
C GLN H 23 26.06 -25.81 40.32
N SER H 24 25.75 -27.11 40.34
CA SER H 24 24.80 -27.64 39.35
C SER H 24 23.41 -27.01 39.52
N GLU H 25 22.73 -26.78 38.40
CA GLU H 25 21.32 -26.40 38.45
C GLU H 25 20.54 -27.22 39.45
N GLU H 26 20.80 -28.52 39.49
CA GLU H 26 20.05 -29.40 40.36
C GLU H 26 20.32 -29.10 41.84
N ASP H 27 21.59 -28.81 42.17
CA ASP H 27 21.90 -28.53 43.58
C ASP H 27 21.30 -27.20 44.00
N HIS H 28 21.37 -26.22 43.11
CA HIS H 28 20.82 -24.90 43.40
C HIS H 28 19.34 -25.00 43.76
N HIS H 29 18.55 -25.64 42.89
CA HIS H 29 17.11 -25.58 43.09
C HIS H 29 16.69 -26.50 44.19
N ASN H 30 17.41 -27.58 44.38
CA ASN H 30 17.10 -28.50 45.50
C ASN H 30 17.39 -27.76 46.81
N HIS H 31 18.55 -27.11 46.88
CA HIS H 31 18.89 -26.43 48.11
C HIS H 31 17.89 -25.34 48.43
N VAL H 32 17.59 -24.52 47.41
CA VAL H 32 16.64 -23.42 47.58
C VAL H 32 15.31 -23.94 48.07
N SER H 33 14.81 -25.00 47.43
CA SER H 33 13.47 -25.48 47.74
C SER H 33 13.41 -26.34 48.98
N LYS H 34 14.33 -27.29 49.12
CA LYS H 34 14.27 -28.29 50.18
C LYS H 34 15.04 -27.92 51.44
N VAL H 35 16.10 -27.14 51.35
CA VAL H 35 16.88 -26.78 52.54
C VAL H 35 16.56 -25.37 53.02
N ASN H 36 16.67 -24.39 52.09
CA ASN H 36 16.55 -23.00 52.51
C ASN H 36 15.13 -22.67 52.93
N ALA H 37 14.14 -23.12 52.18
CA ALA H 37 12.77 -22.68 52.45
C ALA H 37 12.33 -23.02 53.88
N PRO H 38 12.46 -24.26 54.37
CA PRO H 38 12.00 -24.56 55.74
C PRO H 38 12.62 -23.71 56.81
N MET H 39 13.81 -23.18 56.60
CA MET H 39 14.40 -22.42 57.66
C MET H 39 14.18 -20.92 57.45
N PBF H 40 13.80 -20.54 56.23
C PBF H 40 12.04 -18.83 56.35
O PBF H 40 11.80 -17.78 56.93
CA PBF H 40 13.49 -19.12 55.95
CB PBF H 40 13.68 -18.81 54.47
CG PBF H 40 13.85 -17.36 54.09
CD1 PBF H 40 13.91 -17.01 52.74
CD2 PBF H 40 13.97 -16.36 55.04
CE1 PBF H 40 14.08 -15.70 52.36
CE2 PBF H 40 14.15 -15.04 54.66
CZ PBF H 40 14.24 -14.69 53.32
CN1 PBF H 40 14.47 -13.28 52.90
ON2 PBF H 40 15.04 -12.55 53.68
CT PBF H 40 14.14 -12.76 51.55
CI1 PBF H 40 14.78 -11.61 51.08
CI2 PBF H 40 13.10 -13.31 50.81
CK1 PBF H 40 14.46 -11.09 49.83
CK2 PBF H 40 12.80 -12.79 49.55
CL PBF H 40 13.47 -11.68 49.07
N ILE H 41 11.13 -19.74 56.08
CA ILE H 41 9.70 -19.45 56.23
C ILE H 41 9.30 -19.01 57.68
N PRO H 42 9.83 -19.65 58.75
CA PRO H 42 9.47 -19.18 60.14
C PRO H 42 9.82 -17.71 60.40
N PHE H 43 10.99 -17.24 59.94
CA PHE H 43 11.32 -15.82 60.05
C PHE H 43 10.39 -14.93 59.24
N LEU H 44 10.09 -15.30 57.98
CA LEU H 44 9.13 -14.52 57.21
C LEU H 44 7.79 -14.42 57.94
N LYS H 45 7.31 -15.53 58.48
CA LYS H 45 6.06 -15.48 59.28
C LYS H 45 6.28 -14.59 60.50
N LYS H 46 7.40 -14.77 61.18
CA LYS H 46 7.61 -14.03 62.41
C LYS H 46 7.59 -12.55 62.16
N TYR H 47 8.00 -12.13 60.98
CA TYR H 47 8.08 -10.69 60.82
C TYR H 47 6.96 -10.18 59.95
N GLY H 48 5.89 -10.95 59.81
CA GLY H 48 4.71 -10.40 59.17
C GLY H 48 4.80 -10.19 57.67
N ILE H 49 5.78 -10.80 56.99
CA ILE H 49 5.75 -10.89 55.53
C ILE H 49 4.37 -11.39 55.06
N VAL H 50 3.89 -10.76 54.00
CA VAL H 50 2.58 -11.05 53.44
C VAL H 50 2.62 -12.33 52.58
N ARG H 51 3.61 -12.43 51.72
CA ARG H 51 3.72 -13.56 50.80
C ARG H 51 5.19 -13.74 50.40
N TYR H 52 5.63 -14.99 50.42
CA TYR H 52 6.94 -15.39 49.95
C TYR H 52 6.79 -16.19 48.66
N THR H 53 7.56 -15.81 47.65
CA THR H 53 7.53 -16.47 46.34
C THR H 53 8.95 -16.69 45.88
N VAL H 54 9.22 -17.94 45.49
CA VAL H 54 10.49 -18.34 44.87
C VAL H 54 10.16 -18.75 43.45
N LYS H 55 10.78 -18.07 42.51
CA LYS H 55 10.58 -18.33 41.09
C LYS H 55 11.81 -19.07 40.61
N HIS H 56 11.59 -20.16 39.88
CA HIS H 56 12.65 -21.00 39.36
C HIS H 56 12.71 -20.88 37.84
N ASN H 57 13.90 -20.55 37.33
CA ASN H 57 14.21 -20.61 35.89
C ASN H 57 15.09 -21.85 35.72
N ASP H 58 14.44 -23.01 35.64
CA ASP H 58 15.16 -24.28 35.52
C ASP H 58 14.58 -25.16 34.41
N ALA H 59 14.92 -26.45 34.47
CA ALA H 59 14.57 -27.39 33.41
C ALA H 59 13.07 -27.45 33.19
N TYR H 60 12.29 -27.35 34.25
CA TYR H 60 10.85 -27.48 34.12
C TYR H 60 10.25 -26.30 33.37
N SER H 61 10.76 -25.09 33.56
CA SER H 61 10.17 -23.94 32.93
C SER H 61 10.84 -23.55 31.62
N LYS H 62 12.07 -23.95 31.40
CA LYS H 62 12.87 -23.40 30.31
C LYS H 62 12.34 -23.72 28.91
N PRO H 63 11.85 -24.95 28.64
CA PRO H 63 11.19 -25.21 27.32
C PRO H 63 9.89 -24.42 27.14
N LYS H 64 9.19 -24.09 28.23
CA LYS H 64 8.01 -23.23 28.10
C LYS H 64 8.42 -21.79 27.86
N GLN H 65 9.52 -21.37 28.46
CA GLN H 65 10.02 -20.03 28.19
C GLN H 65 10.51 -19.92 26.76
N ALA H 66 11.24 -20.93 26.29
CA ALA H 66 11.65 -20.96 24.88
C ALA H 66 10.46 -20.80 23.97
N ALA H 67 9.38 -21.57 24.24
CA ALA H 67 8.25 -21.57 23.32
C ALA H 67 7.60 -20.18 23.27
N LEU H 68 7.41 -19.51 24.29
CA LEU H 68 6.73 -18.20 24.37
C LEU H 68 7.59 -17.07 23.87
N MET H 69 8.95 -17.29 24.04
CA MET H 69 9.84 -16.24 23.57
C MET H 69 10.46 -16.59 22.25
N ALA H 70 9.90 -17.55 21.55
CA ALA H 70 10.50 -17.96 20.28
C ALA H 70 10.59 -16.75 19.34
N GLY H 71 11.70 -16.64 18.65
CA GLY H 71 11.89 -15.55 17.71
C GLY H 71 12.43 -14.29 18.34
N GLN H 72 12.78 -14.33 19.59
CA GLN H 72 13.45 -13.31 20.33
C GLN H 72 14.87 -13.73 20.55
N PRO H 73 15.80 -12.80 20.49
CA PRO H 73 17.19 -13.11 20.86
C PRO H 73 17.29 -13.46 22.34
N GLU H 74 18.29 -14.27 22.67
CA GLU H 74 18.43 -14.84 24.00
C GLU H 74 18.68 -13.75 25.03
N GLU H 75 19.27 -12.64 24.59
CA GLU H 75 19.49 -11.49 25.46
C GLU H 75 18.18 -11.00 26.07
N ASN H 76 17.04 -11.25 25.42
CA ASN H 76 15.76 -10.67 25.90
C ASN H 76 15.19 -11.49 27.06
N VAL H 77 15.82 -12.60 27.37
CA VAL H 77 15.39 -13.46 28.44
C VAL H 77 16.15 -13.09 29.69
N LEU H 78 15.45 -12.78 30.77
CA LEU H 78 16.08 -12.64 32.09
C LEU H 78 16.64 -13.99 32.53
N ALA H 79 17.96 -14.05 32.74
CA ALA H 79 18.69 -15.31 32.88
C ALA H 79 18.91 -15.76 34.35
N TYR H 80 18.47 -15.00 35.34
CA TYR H 80 18.62 -15.47 36.73
C TYR H 80 18.08 -16.87 36.94
N ASP H 81 18.75 -17.63 37.80
CA ASP H 81 18.29 -18.99 38.13
C ASP H 81 17.05 -19.01 39.05
N THR H 82 16.98 -18.09 40.04
CA THR H 82 15.86 -17.99 40.97
C THR H 82 15.59 -16.53 41.26
N VAL H 83 14.32 -16.21 41.51
CA VAL H 83 13.92 -14.91 42.00
C VAL H 83 13.27 -15.15 43.38
N PHE H 84 13.74 -14.45 44.42
CA PHE H 84 13.15 -14.51 45.77
C PHE H 84 12.34 -13.25 45.98
N GLU H 85 11.03 -13.41 46.25
CA GLU H 85 10.11 -12.29 46.42
C GLU H 85 9.34 -12.39 47.73
N ILE H 86 9.26 -11.27 48.46
CA ILE H 86 8.36 -11.15 49.60
C ILE H 86 7.53 -9.91 49.36
N ILE H 87 6.21 -10.03 49.60
CA ILE H 87 5.34 -8.86 49.66
C ILE H 87 5.29 -8.46 51.13
N VAL H 88 5.52 -7.18 51.41
CA VAL H 88 5.48 -6.64 52.76
C VAL H 88 4.64 -5.37 52.80
N LYS H 89 4.21 -4.99 54.03
CA LYS H 89 3.44 -3.74 54.16
C LYS H 89 4.32 -2.53 54.32
N ASP H 90 5.56 -2.73 54.71
CA ASP H 90 6.50 -1.64 54.88
C ASP H 90 7.87 -2.28 54.93
N ILE H 91 8.91 -1.48 54.65
CA ILE H 91 10.24 -2.06 54.70
C ILE H 91 10.71 -2.28 56.12
N GLU H 92 10.01 -1.74 57.11
CA GLU H 92 10.52 -1.93 58.46
C GLU H 92 10.43 -3.39 58.84
N SER H 93 9.35 -4.06 58.44
CA SER H 93 9.26 -5.50 58.63
C SER H 93 10.52 -6.21 58.13
N ILE H 94 11.03 -5.79 56.97
CA ILE H 94 12.20 -6.43 56.42
C ILE H 94 13.42 -6.13 57.29
N GLN H 95 13.61 -4.85 57.61
CA GLN H 95 14.80 -4.47 58.36
C GLN H 95 14.78 -5.04 59.76
N THR H 96 13.60 -5.26 60.34
CA THR H 96 13.54 -5.87 61.67
C THR H 96 13.96 -7.34 61.60
N MET H 97 13.46 -8.05 60.57
CA MET H 97 13.89 -9.43 60.39
C MET H 97 15.40 -9.48 60.19
N GLN H 98 15.93 -8.55 59.40
CA GLN H 98 17.38 -8.60 59.09
C GLN H 98 18.22 -8.42 60.37
N LYS H 99 17.63 -7.83 61.40
CA LYS H 99 18.39 -7.58 62.60
C LYS H 99 18.25 -8.71 63.60
N ASP H 100 17.45 -9.70 63.30
CA ASP H 100 17.24 -10.80 64.24
C ASP H 100 18.52 -11.66 64.26
N GLU H 101 19.15 -11.75 65.44
CA GLU H 101 20.40 -12.48 65.57
C GLU H 101 20.30 -13.92 65.09
N GLU H 102 19.20 -14.63 65.38
CA GLU H 102 19.08 -16.00 64.92
C GLU H 102 18.88 -16.06 63.40
N PHE H 103 18.18 -15.07 62.82
CA PHE H 103 18.10 -15.00 61.36
C PHE H 103 19.50 -14.89 60.78
N LEU H 104 20.30 -13.97 61.33
CA LEU H 104 21.70 -13.88 60.94
C LEU H 104 22.48 -15.14 61.30
N ARG H 105 22.16 -15.79 62.43
CA ARG H 105 23.02 -16.91 62.81
C ARG H 105 22.88 -18.06 61.83
N THR H 106 21.64 -18.47 61.56
CA THR H 106 21.32 -19.66 60.78
C THR H 106 20.94 -19.39 59.31
N THR H 107 20.09 -18.43 58.99
CA THR H 107 19.57 -18.56 57.63
C THR H 107 20.12 -17.54 56.64
N ILE H 108 20.58 -16.39 57.07
CA ILE H 108 21.30 -15.51 56.16
C ILE H 108 22.50 -16.19 55.52
N PRO H 109 23.33 -16.94 56.26
CA PRO H 109 24.54 -17.50 55.61
C PRO H 109 24.24 -18.71 54.72
N ASP H 110 23.05 -19.31 54.82
CA ASP H 110 22.59 -20.33 53.89
C ASP H 110 22.75 -19.88 52.44
N HIS H 111 22.58 -18.60 52.18
CA HIS H 111 22.70 -18.12 50.82
C HIS H 111 24.07 -18.42 50.21
N PHE H 112 25.10 -18.62 51.02
CA PHE H 112 26.40 -19.00 50.47
C PHE H 112 26.38 -20.39 49.85
N ASN H 113 25.34 -21.17 50.09
CA ASN H 113 25.16 -22.45 49.43
C ASN H 113 24.55 -22.34 48.02
N PHE H 114 24.02 -21.18 47.60
CA PHE H 114 23.28 -21.18 46.31
C PHE H 114 23.34 -19.88 45.54
N ALA H 115 23.48 -18.75 46.21
CA ALA H 115 23.45 -17.44 45.58
C ALA H 115 24.86 -16.91 45.36
N ASP H 116 25.18 -16.53 44.15
CA ASP H 116 26.37 -15.72 43.90
C ASP H 116 25.90 -14.26 43.94
N MET H 117 25.98 -13.65 45.14
CA MET H 117 25.33 -12.34 45.23
C MET H 117 26.07 -11.27 44.41
N THR H 118 27.33 -11.50 44.06
CA THR H 118 28.00 -10.46 43.29
C THR H 118 27.41 -10.37 41.89
N ARG H 119 26.71 -11.39 41.45
CA ARG H 119 26.00 -11.35 40.19
C ARG H 119 24.49 -11.41 40.40
N SER H 120 24.00 -10.88 41.53
CA SER H 120 22.58 -10.89 41.79
C SER H 120 22.12 -9.45 41.88
N LYS H 121 20.80 -9.26 41.73
CA LYS H 121 20.23 -7.92 41.75
C LYS H 121 19.03 -7.90 42.69
N GLY H 122 18.66 -6.70 43.12
CA GLY H 122 17.53 -6.52 43.98
C GLY H 122 16.68 -5.37 43.47
N SER H 123 15.42 -5.38 43.92
CA SER H 123 14.41 -4.43 43.44
C SER H 123 13.31 -4.33 44.47
N LEU H 124 13.06 -3.12 44.96
CA LEU H 124 11.96 -2.87 45.87
C LEU H 124 10.96 -2.02 45.11
N THR H 125 9.76 -2.54 44.96
CA THR H 125 8.75 -1.87 44.16
C THR H 125 7.49 -1.85 44.97
N TRP H 126 6.60 -0.96 44.60
CA TRP H 126 5.22 -1.03 45.05
C TRP H 126 4.35 -1.67 43.97
N ILE H 127 3.34 -2.39 44.42
CA ILE H 127 2.64 -3.34 43.58
C ILE H 127 1.15 -3.01 43.52
N GLU H 128 0.63 -3.28 42.30
CA GLU H 128 -0.82 -3.25 42.05
C GLU H 128 -1.10 -4.71 41.67
N GLU H 129 -2.00 -5.39 42.42
CA GLU H 129 -2.24 -6.81 42.26
C GLU H 129 -3.75 -7.03 42.10
N PHE H 130 -4.09 -7.98 41.24
CA PHE H 130 -5.46 -8.33 40.85
C PHE H 130 -5.45 -9.84 40.80
N THR H 131 -6.19 -10.48 41.72
CA THR H 131 -6.35 -11.92 41.70
C THR H 131 -7.70 -12.28 41.09
N PHE H 132 -7.82 -13.51 40.58
CA PHE H 132 -9.00 -13.91 39.80
C PHE H 132 -9.42 -15.30 40.24
N1 A1EAB I . 9.62 -1.27 -39.58
C4 A1EAB I . 9.44 -4.92 -42.61
C5 A1EAB I . 8.64 -4.80 -43.73
C6 A1EAB I . 7.84 -5.86 -44.14
C7 A1EAB I . 10.31 -3.73 -42.21
C8 A1EAB I . 9.55 -2.85 -41.26
C10 A1EAB I . 8.26 -2.93 -41.18
C13 A1EAB I . 6.28 -3.48 -39.77
C15 A1EAB I . 5.12 -4.44 -40.02
C1 A1EAB I . 7.84 -7.05 -43.44
C11 A1EAB I . 7.03 -5.69 -45.32
C12 A1EAB I . 6.96 -3.11 -41.06
C14 A1EAB I . 7.30 -4.19 -38.88
C16 A1EAB I . 5.76 -2.24 -39.04
C2 A1EAB I . 8.63 -7.16 -42.31
C3 A1EAB I . 9.43 -6.11 -41.91
C9 A1EAB I . 10.30 -2.00 -40.46
N2 A1EAB I . 6.41 -5.56 -46.27
O1 A1EAB I . 11.54 -1.95 -40.59
H7 A1EAB I . 8.74 -1.34 -39.52
H8 A1EAB I . 10.05 -0.71 -39.04
H4 A1EAB I . 8.64 -3.99 -44.21
H5 A1EAB I . 10.57 -3.24 -43.01
H6 A1EAB I . 11.13 -4.06 -41.78
H13 A1EAB I . 4.55 -4.07 -40.71
H14 A1EAB I . 4.61 -4.55 -39.20
H15 A1EAB I . 5.47 -5.30 -40.31
H1 A1EAB I . 7.30 -7.76 -43.72
H9 A1EAB I . 6.42 -2.99 -41.83
H12 A1EAB I . 7.68 -4.95 -39.36
H10 A1EAB I . 6.87 -4.51 -38.07
H11 A1EAB I . 8.01 -3.58 -38.64
H17 A1EAB I . 4.86 -2.04 -39.34
H18 A1EAB I . 6.34 -1.49 -39.22
H16 A1EAB I . 5.74 -2.40 -38.08
H2 A1EAB I . 8.63 -7.97 -41.82
H3 A1EAB I . 9.98 -6.21 -41.14
C1 PEG J . -15.06 -1.38 -38.68
O1 PEG J . -15.51 -1.06 -39.98
C2 PEG J . -16.01 -2.32 -37.97
O2 PEG J . -16.60 -1.68 -36.82
C3 PEG J . -15.81 -1.82 -35.65
C4 PEG J . -15.79 -0.53 -34.84
O4 PEG J . -14.57 0.22 -35.06
H11 PEG J . -14.99 -0.56 -38.15
H12 PEG J . -14.19 -1.80 -38.73
HO1 PEG J . -15.58 -1.76 -40.47
H21 PEG J . -15.53 -3.11 -37.68
H22 PEG J . -16.72 -2.58 -38.58
H31 PEG J . -14.90 -2.04 -35.90
H32 PEG J . -16.18 -2.52 -35.09
H41 PEG J . -15.86 -0.75 -33.90
H42 PEG J . -16.55 0.02 -35.11
HO4 PEG J . -14.28 0.20 -35.84
N1 A1EAB K . -3.33 37.18 -6.79
C4 A1EAB K . -2.28 41.08 -4.32
C5 A1EAB K . -1.80 41.01 -3.03
C6 A1EAB K . -2.33 41.79 -2.02
C7 A1EAB K . -1.70 40.22 -5.42
C8 A1EAB K . -2.43 38.90 -5.54
C10 A1EAB K . -2.99 38.39 -4.46
C13 A1EAB K . -5.05 38.13 -3.10
C15 A1EAB K . -5.14 39.05 -1.89
C1 A1EAB K . -3.38 42.66 -2.30
C11 A1EAB K . -1.81 41.69 -0.70
C12 A1EAB K . -3.60 37.90 -3.44
C14 A1EAB K . -5.78 38.78 -4.27
C16 A1EAB K . -5.73 36.80 -2.77
C2 A1EAB K . -3.87 42.73 -3.58
C3 A1EAB K . -3.33 41.94 -4.58
C9 A1EAB K . -2.52 38.23 -6.73
N2 A1EAB K . -1.41 41.58 0.37
O1 A1EAB K . -1.85 38.59 -7.69
H7 A1EAB K . -3.00 36.37 -6.87
H8 A1EAB K . -4.20 37.29 -6.75
H4 A1EAB K . -1.08 40.41 -2.84
H5 A1EAB K . -0.75 40.04 -5.22
H6 A1EAB K . -1.76 40.69 -6.27
H13 A1EAB K . -5.50 39.92 -2.17
H14 A1EAB K . -4.26 39.18 -1.51
H15 A1EAB K . -5.72 38.67 -1.22
H1 A1EAB K . -3.74 43.19 -1.61
H9 A1EAB K . -3.11 37.34 -2.86
H12 A1EAB K . -5.44 39.69 -4.40
H10 A1EAB K . -6.73 38.82 -4.07
H11 A1EAB K . -5.64 38.25 -5.08
H17 A1EAB K . -6.59 36.96 -2.36
H18 A1EAB K . -5.86 36.30 -3.59
H16 A1EAB K . -5.16 36.29 -2.16
H2 A1EAB K . -4.57 43.32 -3.78
H3 A1EAB K . -3.67 42.01 -5.46
N1 A1EAB L . 0.04 -4.42 29.48
C4 A1EAB L . 0.33 -7.19 25.61
C5 A1EAB L . 0.64 -8.54 25.68
C6 A1EAB L . 1.58 -9.09 24.83
C7 A1EAB L . -0.70 -6.58 26.54
C8 A1EAB L . -0.07 -6.01 27.79
C10 A1EAB L . 1.07 -6.48 28.20
C13 A1EAB L . 3.56 -6.26 28.19
C15 A1EAB L . 4.42 -6.00 29.42
C1 A1EAB L . 2.24 -8.30 23.91
C11 A1EAB L . 1.88 -10.49 24.93
C12 A1EAB L . 2.24 -6.87 28.60
C14 A1EAB L . 4.28 -7.22 27.25
C16 A1EAB L . 3.34 -4.94 27.45
C2 A1EAB L . 1.95 -6.95 23.84
C3 A1EAB L . 0.99 -6.41 24.68
C9 A1EAB L . -0.65 -4.99 28.50
N2 A1EAB L . 2.13 -11.60 25.04
O1 A1EAB L . -1.81 -4.67 28.26
H7 A1EAB L . -0.06 -4.67 30.31
H8 A1EAB L . 0.61 -3.76 29.28
H4 A1EAB L . 0.19 -9.08 26.31
H5 A1EAB L . -1.18 -5.88 26.06
H6 A1EAB L . -1.34 -7.28 26.80
H13 A1EAB L . 4.11 -5.19 29.86
H14 A1EAB L . 5.34 -5.88 29.14
H15 A1EAB L . 4.36 -6.75 30.02
H1 A1EAB L . 2.89 -8.67 23.33
H9 A1EAB L . 2.28 -7.59 29.23
H12 A1EAB L . 3.66 -7.53 26.57
H10 A1EAB L . 4.61 -7.98 27.76
H11 A1EAB L . 5.03 -6.77 26.83
H17 A1EAB L . 4.19 -4.51 27.28
H18 A1EAB L . 2.88 -5.10 26.60
H16 A1EAB L . 2.79 -4.34 28.00
H2 A1EAB L . 2.38 -6.42 23.21
H3 A1EAB L . 0.80 -5.49 24.62
C1 GOL M . -10.50 -1.71 3.43
O1 GOL M . -11.45 -1.68 4.46
C2 GOL M . -9.81 -0.31 3.15
O2 GOL M . -8.66 -0.54 2.28
C3 GOL M . -9.48 0.32 4.53
O3 GOL M . -8.45 -0.45 5.16
H11 GOL M . -10.90 -2.00 2.59
H12 GOL M . -9.80 -2.35 3.62
HO1 GOL M . -11.05 -2.00 5.15
H2 GOL M . -10.41 0.31 2.72
HO2 GOL M . -8.07 0.04 2.46
H31 GOL M . -10.30 0.36 5.06
H32 GOL M . -9.23 1.25 4.39
HO3 GOL M . -8.14 0.00 5.78
N1 A1EAB N . -1.15 -9.63 5.35
C4 A1EAB N . -0.07 -10.31 9.90
C5 A1EAB N . 0.81 -11.33 10.23
C6 A1EAB N . 0.51 -12.21 11.27
C7 A1EAB N . 0.27 -9.39 8.76
C8 A1EAB N . -0.26 -9.95 7.46
C10 A1EAB N . -0.60 -11.21 7.41
C13 A1EAB N . -2.49 -12.84 7.68
C15 A1EAB N . -3.02 -13.74 6.58
C1 A1EAB N . -0.66 -12.09 11.98
C11 A1EAB N . 1.45 -13.25 11.58
C12 A1EAB N . -1.07 -12.42 7.36
C14 A1EAB N . -2.51 -13.59 9.01
C16 A1EAB N . -3.38 -11.61 7.79
C2 A1EAB N . -1.54 -11.07 11.64
C3 A1EAB N . -1.25 -10.20 10.62
C9 A1EAB N . -0.41 -9.17 6.35
N2 A1EAB N . 2.19 -14.10 11.80
O1 A1EAB N . 0.15 -8.09 6.29
H7 A1EAB N . -0.78 -9.82 4.58
H8 A1EAB N . -2.02 -9.75 5.47
H4 A1EAB N . 1.61 -11.43 9.75
H5 A1EAB N . -0.15 -8.51 8.94
H6 A1EAB N . 1.24 -9.28 8.70
H13 A1EAB N . -3.08 -13.23 5.75
H14 A1EAB N . -3.89 -14.08 6.83
H15 A1EAB N . -2.39 -14.49 6.45
H1 A1EAB N . -0.86 -12.68 12.68
H9 A1EAB N . -0.46 -13.11 7.11
H12 A1EAB N . -2.91 -13.03 9.68
H10 A1EAB N . -1.58 -13.80 9.28
H11 A1EAB N . -3.02 -14.41 8.91
H17 A1EAB N . -3.33 -11.08 6.98
H18 A1EAB N . -4.30 -11.90 7.93
H16 A1EAB N . -3.11 -11.07 8.56
H2 A1EAB N . -2.34 -10.98 12.12
H3 A1EAB N . -1.86 -9.51 10.40
N1 A1EAB O . -0.72 -36.40 -9.14
C4 A1EAB O . -4.35 -36.28 -12.16
C5 A1EAB O . -4.87 -35.16 -12.77
C6 A1EAB O . -6.24 -34.92 -12.78
C7 A1EAB O . -2.86 -36.50 -12.16
C8 A1EAB O . -2.23 -36.04 -10.86
C10 A1EAB O . -2.84 -35.15 -10.13
C13 A1EAB O . -4.47 -34.70 -8.28
C15 A1EAB O . -5.85 -34.32 -8.80
C1 A1EAB O . -7.10 -35.81 -12.16
C11 A1EAB O . -6.73 -33.75 -13.44
C12 A1EAB O . -3.42 -34.33 -9.31
C14 A1EAB O . -4.44 -36.21 -8.00
C16 A1EAB O . -4.20 -33.96 -6.97
C2 A1EAB O . -6.58 -36.92 -11.54
C3 A1EAB O . -5.21 -37.15 -11.54
C9 A1EAB O . -1.04 -36.57 -10.42
N2 A1EAB O . -7.10 -32.79 -13.94
O1 A1EAB O . -0.30 -37.15 -11.20
H7 A1EAB O . 0.02 -35.96 -8.93
H8 A1EAB O . -1.24 -36.73 -8.51
H4 A1EAB O . -4.29 -34.55 -13.20
H5 A1EAB O . -2.68 -37.47 -12.27
H6 A1EAB O . -2.45 -36.02 -12.91
H13 A1EAB O . -6.08 -33.44 -8.48
H14 A1EAB O . -6.51 -34.97 -8.49
H15 A1EAB O . -5.83 -34.32 -9.78
H1 A1EAB O . -8.03 -35.65 -12.16
H9 A1EAB O . -3.18 -33.42 -9.35
H12 A1EAB O . -3.53 -36.48 -7.82
H10 A1EAB O . -5.00 -36.41 -7.24
H11 A1EAB O . -4.78 -36.69 -8.78
H17 A1EAB O . -5.00 -33.98 -6.42
H18 A1EAB O . -3.47 -34.39 -6.51
H16 A1EAB O . -3.97 -33.05 -7.17
H2 A1EAB O . -7.16 -37.52 -11.12
H3 A1EAB O . -4.88 -37.92 -11.11
C1 GOL P . 24.47 -27.63 49.25
O1 GOL P . 23.20 -28.10 48.94
C2 GOL P . 25.08 -26.92 47.95
O2 GOL P . 26.19 -26.08 48.31
C3 GOL P . 25.52 -28.02 46.95
O3 GOL P . 26.08 -27.36 45.74
H11 GOL P . 25.07 -28.34 49.51
H12 GOL P . 24.46 -27.00 49.97
HO1 GOL P . 23.29 -28.90 48.73
H2 GOL P . 24.39 -26.37 47.56
HO2 GOL P . 25.93 -25.48 48.86
H31 GOL P . 24.76 -28.58 46.76
H32 GOL P . 26.16 -28.59 47.39
HO3 GOL P . 25.93 -26.52 45.81
C1 GOL Q . 23.94 -23.35 60.03
O1 GOL Q . 22.65 -23.25 60.82
C2 GOL Q . 24.17 -22.02 59.33
O2 GOL Q . 25.42 -21.68 58.77
C3 GOL Q . 23.23 -22.20 58.15
O3 GOL Q . 22.10 -22.88 58.54
H11 GOL Q . 23.92 -24.06 59.38
H12 GOL Q . 24.70 -23.54 60.60
HO1 GOL Q . 22.47 -22.42 60.97
H2 GOL Q . 24.03 -21.34 60.00
HO2 GOL Q . 25.25 -21.17 58.10
H31 GOL Q . 23.72 -22.66 57.44
H32 GOL Q . 23.02 -21.33 57.78
HO3 GOL Q . 21.67 -22.32 59.02
N1 A1EAB R . 16.86 -17.34 51.02
C4 A1EAB R . 19.02 -13.71 53.42
C5 A1EAB R . 18.41 -12.48 53.61
C6 A1EAB R . 19.10 -11.31 53.45
C7 A1EAB R . 18.23 -15.00 53.60
C8 A1EAB R . 17.72 -15.55 52.28
C10 A1EAB R . 17.57 -14.74 51.25
C13 A1EAB R . 18.58 -13.74 49.21
C15 A1EAB R . 19.10 -12.32 49.32
C1 A1EAB R . 20.43 -11.33 53.05
C11 A1EAB R . 18.41 -10.06 53.65
C12 A1EAB R . 17.49 -13.91 50.23
C14 A1EAB R . 19.73 -14.68 49.53
C16 A1EAB R . 18.13 -14.00 47.79
C2 A1EAB R . 21.06 -12.55 52.86
C3 A1EAB R . 20.37 -13.72 53.04
C9 A1EAB R . 17.37 -16.88 52.16
N2 A1EAB R . 17.88 -9.07 53.84
O1 A1EAB R . 17.49 -17.63 53.14
H7 A1EAB R . 16.60 -18.18 50.95
H8 A1EAB R . 16.78 -16.80 50.32
H4 A1EAB R . 17.49 -12.46 53.87
H5 A1EAB R . 17.48 -14.85 54.20
H6 A1EAB R . 18.81 -15.68 54.03
H13 A1EAB R . 19.17 -12.06 50.24
H14 A1EAB R . 19.98 -12.26 48.89
H15 A1EAB R . 18.48 -11.72 48.86
H1 A1EAB R . 20.90 -10.52 52.91
H9 A1EAB R . 16.70 -13.40 50.13
H12 A1EAB R . 20.13 -14.45 50.39
H10 A1EAB R . 19.39 -15.59 49.56
H11 A1EAB R . 20.41 -14.61 48.84
H17 A1EAB R . 18.76 -13.61 47.16
H18 A1EAB R . 17.25 -13.60 47.65
H16 A1EAB R . 18.06 -14.96 47.64
H2 A1EAB R . 21.96 -12.57 52.59
H3 A1EAB R . 20.80 -14.55 52.92
#